data_4R1I
#
_entry.id   4R1I
#
_cell.length_a   120.766
_cell.length_b   120.766
_cell.length_c   233.897
_cell.angle_alpha   90.00
_cell.angle_beta   90.00
_cell.angle_gamma   120.00
#
_symmetry.space_group_name_H-M   'P 65'
#
_entity_poly.entity_id   1
_entity_poly.type   'polypeptide(L)'
_entity_poly.pdbx_seq_one_letter_code
;MSQTDARRSGRFLRTVEWLGNMLPHPVTLFIIFIVLLLIASAVGAYFGLSVPDPRPVGAKGRADDGLIHVVSLLDADGLI
KILTHTVKNFTGFAPLGTVLVSLLGVGIAEKSGLISALMRLLLTKSPRKLTTFMVVFTGILSNTASELGYVVLIPLSAVI
FHSLGRHPLAGLAAAFAGVSGGYSANLFLGTIDPLLAGITQQAAQIIHPDYVVGPEANWFFMAASTFVIALIGYFVTEKI
VEPQLGPYQSDLSQEEKDIRHSNEITPLEYKGLIWAGVVFIALSALLAWSIVPADGILRHPETGLVAGSPFLKSIVVFIF
LLFALPGIVYGRITRSLRGEREVVNAMAESMSTLGLYLVIIFFAAQFVAFFNWTNIGQYIAVKGAVFLKEVGLAGSVLFI
GFILICAFINLMIGSASAQWAVTAPIFVPMLMLAGYAPEVIQAAYRIGDSVTNIITPMMSYFGLIMATVMKYKKDAGVGT
LISMMLPYSAFFLIAWIALFCIWVFVLGLPVGPGAPTLYPAP
;
_entity_poly.pdbx_strand_id   A,B
#
# COMPACT_ATOMS: atom_id res chain seq x y z
N GLY A 10 -35.60 -11.33 18.50
CA GLY A 10 -35.87 -12.65 17.98
C GLY A 10 -34.96 -13.72 18.56
N ARG A 11 -35.26 -14.97 18.28
CA ARG A 11 -34.46 -16.08 18.78
C ARG A 11 -33.20 -16.27 17.94
N PHE A 12 -33.26 -15.84 16.69
CA PHE A 12 -32.16 -16.09 15.75
C PHE A 12 -31.21 -14.89 15.61
N LEU A 13 -31.70 -13.71 15.96
CA LEU A 13 -30.90 -12.49 15.91
C LEU A 13 -29.81 -12.48 17.00
N ARG A 14 -30.08 -13.16 18.10
CA ARG A 14 -29.11 -13.29 19.18
C ARG A 14 -27.92 -14.13 18.73
N THR A 15 -28.19 -15.18 17.98
CA THR A 15 -27.15 -16.10 17.53
C THR A 15 -26.39 -15.53 16.32
N VAL A 16 -27.07 -14.71 15.53
CA VAL A 16 -26.42 -14.04 14.40
C VAL A 16 -25.49 -12.94 14.91
N GLU A 17 -25.94 -12.21 15.92
CA GLU A 17 -25.12 -11.19 16.57
C GLU A 17 -23.91 -11.81 17.25
N TRP A 18 -24.11 -12.97 17.86
CA TRP A 18 -23.03 -13.69 18.54
C TRP A 18 -22.01 -14.21 17.54
N LEU A 19 -22.47 -14.49 16.32
CA LEU A 19 -21.60 -15.04 15.28
C LEU A 19 -20.42 -14.14 14.95
N GLY A 20 -20.69 -12.86 14.69
CA GLY A 20 -19.68 -11.93 14.24
C GLY A 20 -18.78 -11.36 15.32
N ASN A 21 -19.28 -11.30 16.56
CA ASN A 21 -18.54 -10.68 17.65
C ASN A 21 -17.85 -11.70 18.57
N MET A 22 -17.84 -12.95 18.15
CA MET A 22 -17.21 -14.01 18.94
C MET A 22 -15.69 -13.93 18.86
N LEU A 23 -15.15 -13.94 17.65
CA LEU A 23 -13.71 -13.97 17.45
C LEU A 23 -13.14 -12.61 17.08
N PRO A 24 -11.84 -12.41 17.32
CA PRO A 24 -11.15 -11.16 17.02
C PRO A 24 -10.93 -10.89 15.53
N HIS A 25 -10.14 -9.86 15.26
CA HIS A 25 -9.85 -9.39 13.91
C HIS A 25 -9.07 -10.45 13.16
N PRO A 26 -9.23 -10.53 11.83
CA PRO A 26 -8.57 -11.56 11.03
C PRO A 26 -7.04 -11.52 11.22
N VAL A 27 -6.51 -10.38 11.63
CA VAL A 27 -5.08 -10.24 11.79
C VAL A 27 -4.69 -10.96 13.05
N THR A 28 -5.48 -10.77 14.10
CA THR A 28 -5.25 -11.39 15.38
C THR A 28 -5.52 -12.88 15.17
N LEU A 29 -6.31 -13.13 14.14
CA LEU A 29 -6.60 -14.47 13.69
C LEU A 29 -5.39 -15.08 13.03
N PHE A 30 -4.68 -14.25 12.28
CA PHE A 30 -3.43 -14.66 11.64
C PHE A 30 -2.26 -14.72 12.62
N ILE A 31 -2.33 -13.99 13.73
CA ILE A 31 -1.25 -13.95 14.69
C ILE A 31 -1.20 -15.24 15.45
N ILE A 32 -2.36 -15.67 15.92
CA ILE A 32 -2.46 -16.93 16.64
C ILE A 32 -2.32 -18.15 15.70
N PHE A 33 -2.67 -17.97 14.42
CA PHE A 33 -2.55 -19.03 13.44
C PHE A 33 -1.11 -19.36 13.17
N ILE A 34 -0.26 -18.34 13.15
CA ILE A 34 1.16 -18.58 12.97
C ILE A 34 1.82 -18.88 14.29
N VAL A 35 1.23 -18.40 15.39
CA VAL A 35 1.83 -18.63 16.70
C VAL A 35 1.65 -20.09 17.08
N LEU A 36 0.48 -20.62 16.78
CA LEU A 36 0.22 -22.02 17.09
C LEU A 36 0.93 -22.90 16.07
N LEU A 37 1.01 -22.42 14.82
CA LEU A 37 1.68 -23.15 13.76
C LEU A 37 3.15 -23.31 14.13
N LEU A 38 3.66 -22.34 14.87
CA LEU A 38 5.04 -22.43 15.35
C LEU A 38 5.18 -23.66 16.23
N ILE A 39 4.28 -23.78 17.22
CA ILE A 39 4.29 -24.91 18.12
C ILE A 39 3.47 -26.08 17.59
N ALA A 40 2.72 -25.86 16.51
CA ALA A 40 2.05 -26.96 15.83
C ALA A 40 3.10 -27.74 15.09
N SER A 41 4.09 -27.02 14.60
CA SER A 41 5.25 -27.63 13.96
C SER A 41 6.17 -28.17 15.05
N ALA A 42 6.29 -27.43 16.14
CA ALA A 42 7.25 -27.75 17.20
C ALA A 42 6.80 -28.88 18.11
N VAL A 43 5.53 -29.26 18.04
CA VAL A 43 5.03 -30.37 18.85
C VAL A 43 4.92 -31.65 18.03
N GLY A 44 4.27 -31.55 16.87
CA GLY A 44 4.06 -32.70 16.01
C GLY A 44 5.34 -33.24 15.40
N ALA A 45 6.31 -32.36 15.19
CA ALA A 45 7.57 -32.76 14.56
C ALA A 45 8.73 -32.83 15.54
N TYR A 46 8.42 -32.77 16.84
CA TYR A 46 9.46 -32.87 17.86
C TYR A 46 9.81 -34.33 18.15
N PHE A 47 8.78 -35.14 18.42
CA PHE A 47 8.99 -36.54 18.72
C PHE A 47 8.98 -37.43 17.47
N GLY A 48 8.00 -37.20 16.60
CA GLY A 48 7.93 -37.93 15.34
C GLY A 48 6.52 -37.99 14.76
N LEU A 49 6.42 -37.78 13.46
CA LEU A 49 5.13 -37.84 12.76
C LEU A 49 5.36 -37.96 11.25
N SER A 50 4.44 -38.64 10.58
CA SER A 50 4.54 -38.82 9.13
C SER A 50 3.18 -39.09 8.50
N VAL A 51 3.07 -38.83 7.20
CA VAL A 51 1.85 -39.11 6.46
C VAL A 51 2.17 -39.72 5.09
N PRO A 52 1.61 -40.90 4.82
CA PRO A 52 1.94 -41.70 3.62
C PRO A 52 1.25 -41.24 2.33
N ASP A 53 1.80 -41.67 1.21
CA ASP A 53 1.18 -41.58 -0.11
C ASP A 53 0.50 -40.27 -0.51
N PRO A 54 1.29 -39.26 -0.89
CA PRO A 54 0.71 -38.16 -1.66
C PRO A 54 0.52 -38.65 -3.09
N ARG A 55 -0.52 -38.21 -3.79
CA ARG A 55 -0.71 -38.63 -5.17
C ARG A 55 -0.13 -37.62 -6.17
N PRO A 56 0.99 -37.97 -6.80
CA PRO A 56 1.64 -37.12 -7.78
C PRO A 56 1.32 -37.56 -9.20
N VAL A 57 1.96 -36.93 -10.19
CA VAL A 57 1.74 -37.28 -11.58
C VAL A 57 3.05 -37.27 -12.37
N GLY A 58 3.17 -38.21 -13.32
CA GLY A 58 4.33 -38.25 -14.19
C GLY A 58 5.33 -39.35 -13.88
N ALA A 59 6.47 -39.31 -14.55
CA ALA A 59 7.52 -40.31 -14.36
C ALA A 59 8.62 -39.80 -13.44
N LYS A 60 8.99 -38.53 -13.61
CA LYS A 60 10.03 -37.91 -12.78
C LYS A 60 9.53 -36.67 -12.05
N GLY A 61 10.44 -35.96 -11.40
CA GLY A 61 10.09 -34.78 -10.62
C GLY A 61 9.67 -35.16 -9.21
N ARG A 62 8.46 -34.75 -8.83
CA ARG A 62 7.92 -35.10 -7.52
C ARG A 62 6.95 -36.26 -7.68
N ALA A 63 7.13 -37.02 -8.77
CA ALA A 63 6.22 -38.11 -9.10
C ALA A 63 6.38 -39.31 -8.17
N ASP A 64 7.48 -39.34 -7.41
CA ASP A 64 7.73 -40.43 -6.49
C ASP A 64 8.14 -39.94 -5.11
N ASP A 65 9.04 -40.69 -4.47
CA ASP A 65 9.54 -40.39 -3.12
C ASP A 65 8.47 -40.47 -2.02
N GLY A 66 7.20 -40.46 -2.41
CA GLY A 66 6.10 -40.65 -1.49
C GLY A 66 6.02 -39.68 -0.35
N LEU A 67 6.25 -40.20 0.86
CA LEU A 67 6.00 -39.48 2.11
C LEU A 67 6.53 -38.05 2.20
N ILE A 68 5.72 -37.20 2.82
CA ILE A 68 6.11 -35.84 3.15
C ILE A 68 5.84 -35.61 4.64
N HIS A 69 6.75 -34.94 5.33
CA HIS A 69 6.68 -34.87 6.79
C HIS A 69 6.49 -33.46 7.35
N VAL A 70 6.06 -33.39 8.60
CA VAL A 70 5.92 -32.12 9.30
C VAL A 70 7.28 -31.63 9.76
N VAL A 71 7.49 -30.32 9.68
CA VAL A 71 8.78 -29.73 10.01
C VAL A 71 8.68 -28.71 11.14
N SER A 72 9.42 -28.95 12.22
CA SER A 72 9.35 -28.11 13.42
C SER A 72 10.14 -26.81 13.27
N LEU A 73 10.40 -26.15 14.39
CA LEU A 73 11.22 -24.95 14.39
C LEU A 73 12.61 -25.19 14.98
N LEU A 74 13.53 -25.69 14.16
CA LEU A 74 14.92 -25.78 14.58
C LEU A 74 15.44 -24.34 14.64
N ASP A 75 15.69 -23.83 15.85
CA ASP A 75 16.05 -22.43 16.08
C ASP A 75 17.14 -21.87 15.14
N ALA A 76 17.97 -22.71 14.54
CA ALA A 76 18.92 -22.15 13.60
C ALA A 76 18.26 -21.81 12.26
N ASP A 77 17.57 -22.78 11.67
CA ASP A 77 16.94 -22.59 10.37
C ASP A 77 15.55 -21.93 10.39
N GLY A 78 14.74 -22.25 11.40
CA GLY A 78 13.40 -21.71 11.44
C GLY A 78 13.44 -20.23 11.68
N LEU A 79 14.36 -19.79 12.54
CA LEU A 79 14.46 -18.37 12.84
C LEU A 79 14.97 -17.60 11.62
N ILE A 80 15.93 -18.19 10.92
CA ILE A 80 16.57 -17.55 9.77
C ILE A 80 15.60 -17.37 8.63
N LYS A 81 14.69 -18.33 8.49
CA LYS A 81 13.82 -18.31 7.36
C LYS A 81 12.80 -17.21 7.56
N ILE A 82 12.38 -17.01 8.80
CA ILE A 82 11.39 -16.01 9.12
C ILE A 82 11.97 -14.60 9.07
N LEU A 83 13.15 -14.42 9.66
CA LEU A 83 13.82 -13.11 9.70
C LEU A 83 14.29 -12.59 8.35
N THR A 84 14.81 -13.49 7.54
CA THR A 84 15.23 -13.15 6.20
C THR A 84 14.03 -12.97 5.29
N HIS A 85 13.09 -13.91 5.37
CA HIS A 85 11.86 -13.82 4.61
C HIS A 85 10.72 -13.26 5.44
N THR A 86 10.45 -11.98 5.24
CA THR A 86 9.26 -11.34 5.77
C THR A 86 8.74 -10.39 4.69
N VAL A 87 9.67 -9.61 4.13
CA VAL A 87 9.37 -8.74 3.01
C VAL A 87 9.41 -9.53 1.72
N LYS A 88 10.23 -10.57 1.71
CA LYS A 88 10.31 -11.42 0.54
C LYS A 88 9.06 -12.27 0.36
N ASN A 89 8.40 -12.63 1.47
CA ASN A 89 7.13 -13.33 1.43
C ASN A 89 5.97 -12.40 1.13
N PHE A 90 6.13 -11.15 1.56
CA PHE A 90 5.05 -10.17 1.47
C PHE A 90 5.00 -9.54 0.10
N THR A 91 6.17 -9.32 -0.51
CA THR A 91 6.23 -8.78 -1.85
C THR A 91 5.74 -9.81 -2.86
N GLY A 92 6.34 -11.00 -2.82
CA GLY A 92 5.99 -12.05 -3.77
C GLY A 92 4.57 -12.54 -3.65
N PHE A 93 3.90 -12.16 -2.57
CA PHE A 93 2.50 -12.50 -2.35
C PHE A 93 1.68 -11.98 -3.51
N ALA A 94 1.18 -12.90 -4.33
CA ALA A 94 0.51 -12.59 -5.60
C ALA A 94 -0.65 -11.58 -5.54
N PRO A 95 -1.56 -11.72 -4.56
CA PRO A 95 -2.68 -10.76 -4.59
C PRO A 95 -2.26 -9.31 -4.34
N LEU A 96 -1.25 -9.09 -3.50
CA LEU A 96 -0.77 -7.75 -3.19
C LEU A 96 -0.24 -7.03 -4.44
N GLY A 97 0.49 -7.76 -5.27
CA GLY A 97 1.04 -7.18 -6.47
C GLY A 97 -0.02 -6.89 -7.51
N THR A 98 -0.97 -7.81 -7.67
CA THR A 98 -1.99 -7.67 -8.70
C THR A 98 -3.10 -6.66 -8.35
N VAL A 99 -3.44 -6.56 -7.06
CA VAL A 99 -4.52 -5.69 -6.63
C VAL A 99 -4.18 -4.22 -6.80
N LEU A 100 -2.99 -3.83 -6.33
CA LEU A 100 -2.55 -2.44 -6.36
C LEU A 100 -2.49 -1.87 -7.77
N VAL A 101 -2.05 -2.70 -8.72
CA VAL A 101 -1.95 -2.29 -10.11
C VAL A 101 -3.34 -2.05 -10.70
N SER A 102 -4.31 -2.83 -10.23
CA SER A 102 -5.68 -2.75 -10.74
C SER A 102 -6.47 -1.61 -10.12
N LEU A 103 -6.20 -1.33 -8.85
CA LEU A 103 -6.97 -0.35 -8.08
C LEU A 103 -6.79 1.06 -8.63
N LEU A 104 -5.65 1.32 -9.25
CA LEU A 104 -5.38 2.60 -9.87
C LEU A 104 -6.38 2.86 -11.00
N GLY A 105 -6.68 1.82 -11.76
CA GLY A 105 -7.63 1.93 -12.87
C GLY A 105 -9.05 2.14 -12.36
N VAL A 106 -9.40 1.42 -11.31
CA VAL A 106 -10.74 1.56 -10.71
C VAL A 106 -10.94 2.96 -10.12
N GLY A 107 -9.88 3.54 -9.58
CA GLY A 107 -9.94 4.84 -8.95
C GLY A 107 -10.32 5.95 -9.92
N ILE A 108 -9.60 6.04 -11.03
CA ILE A 108 -9.86 7.06 -12.04
C ILE A 108 -11.24 6.89 -12.67
N ALA A 109 -11.61 5.64 -12.96
CA ALA A 109 -12.91 5.35 -13.55
C ALA A 109 -14.04 5.76 -12.61
N GLU A 110 -13.76 5.72 -11.32
CA GLU A 110 -14.77 6.01 -10.29
C GLU A 110 -14.90 7.50 -10.02
N LYS A 111 -13.79 8.13 -9.63
CA LYS A 111 -13.80 9.53 -9.22
C LYS A 111 -14.24 10.48 -10.33
N SER A 112 -13.93 10.13 -11.57
CA SER A 112 -14.32 10.96 -12.71
C SER A 112 -15.84 11.02 -12.87
N GLY A 113 -16.54 10.14 -12.15
CA GLY A 113 -17.98 10.07 -12.24
C GLY A 113 -18.38 9.35 -13.51
N LEU A 114 -17.50 8.50 -14.02
CA LEU A 114 -17.78 7.73 -15.22
C LEU A 114 -18.63 6.51 -14.89
N ILE A 115 -18.30 5.85 -13.78
CA ILE A 115 -19.09 4.72 -13.30
C ILE A 115 -20.32 5.24 -12.56
N SER A 116 -20.12 6.35 -11.84
CA SER A 116 -21.21 7.02 -11.14
C SER A 116 -22.34 7.35 -12.10
N ALA A 117 -22.01 8.01 -13.20
CA ALA A 117 -23.02 8.44 -14.17
C ALA A 117 -23.54 7.31 -15.04
N LEU A 118 -22.99 6.11 -14.86
CA LEU A 118 -23.42 4.96 -15.64
C LEU A 118 -24.61 4.24 -14.98
N MET A 119 -24.50 3.99 -13.68
CA MET A 119 -25.62 3.45 -12.91
C MET A 119 -26.64 4.55 -12.67
N ARG A 120 -26.22 5.79 -12.90
CA ARG A 120 -27.09 6.95 -12.85
C ARG A 120 -27.87 7.05 -14.15
N LEU A 121 -27.32 6.44 -15.20
CA LEU A 121 -27.93 6.46 -16.53
C LEU A 121 -28.91 5.29 -16.69
N LEU A 122 -28.63 4.18 -16.00
CA LEU A 122 -29.44 2.97 -16.13
C LEU A 122 -30.86 3.16 -15.60
N LEU A 123 -30.99 3.64 -14.38
CA LEU A 123 -32.29 3.83 -13.76
C LEU A 123 -33.12 4.87 -14.51
N THR A 124 -32.45 5.76 -15.23
CA THR A 124 -33.11 6.80 -16.01
C THR A 124 -33.56 6.28 -17.38
N LYS A 125 -32.65 5.59 -18.07
CA LYS A 125 -32.92 5.13 -19.42
C LYS A 125 -33.76 3.86 -19.48
N SER A 126 -34.17 3.36 -18.32
CA SER A 126 -34.90 2.09 -18.28
C SER A 126 -36.40 2.25 -18.05
N PRO A 127 -37.21 1.50 -18.82
CA PRO A 127 -38.67 1.46 -18.70
C PRO A 127 -39.11 0.96 -17.33
N ARG A 128 -40.32 1.35 -16.92
CA ARG A 128 -40.78 1.09 -15.56
C ARG A 128 -41.02 -0.40 -15.24
N LYS A 129 -41.37 -1.19 -16.25
CA LYS A 129 -41.51 -2.63 -16.06
C LYS A 129 -40.15 -3.25 -15.81
N LEU A 130 -39.13 -2.66 -16.44
CA LEU A 130 -37.77 -3.13 -16.28
C LEU A 130 -37.16 -2.69 -14.98
N THR A 131 -37.55 -1.50 -14.51
CA THR A 131 -36.91 -0.85 -13.37
C THR A 131 -36.84 -1.71 -12.12
N THR A 132 -37.76 -2.67 -11.99
CA THR A 132 -37.73 -3.59 -10.88
C THR A 132 -36.71 -4.69 -11.12
N PHE A 133 -36.56 -5.07 -12.39
CA PHE A 133 -35.53 -6.02 -12.78
C PHE A 133 -34.23 -5.28 -13.08
N MET A 134 -34.36 -3.98 -13.35
CA MET A 134 -33.20 -3.16 -13.73
C MET A 134 -32.46 -2.61 -12.52
N VAL A 135 -33.20 -2.20 -11.50
CA VAL A 135 -32.57 -1.60 -10.32
C VAL A 135 -31.81 -2.66 -9.53
N VAL A 136 -32.21 -3.92 -9.70
CA VAL A 136 -31.48 -5.01 -9.06
C VAL A 136 -30.30 -5.40 -9.92
N PHE A 137 -30.49 -5.40 -11.24
CA PHE A 137 -29.42 -5.71 -12.16
C PHE A 137 -28.34 -4.63 -12.12
N THR A 138 -28.78 -3.37 -12.05
CA THR A 138 -27.88 -2.25 -11.84
C THR A 138 -27.20 -2.40 -10.49
N GLY A 139 -27.98 -2.86 -9.51
CA GLY A 139 -27.47 -3.14 -8.19
C GLY A 139 -26.31 -4.13 -8.20
N ILE A 140 -26.33 -5.05 -9.16
CA ILE A 140 -25.28 -6.06 -9.24
C ILE A 140 -23.96 -5.48 -9.76
N LEU A 141 -24.06 -4.68 -10.82
CA LEU A 141 -22.88 -4.11 -11.47
C LEU A 141 -22.25 -2.97 -10.69
N SER A 142 -22.91 -2.54 -9.60
CA SER A 142 -22.39 -1.46 -8.79
C SER A 142 -21.39 -1.93 -7.74
N ASN A 143 -20.89 -3.16 -7.91
CA ASN A 143 -19.94 -3.73 -6.96
C ASN A 143 -18.50 -3.43 -7.33
N THR A 144 -18.29 -3.10 -8.61
CA THR A 144 -16.96 -2.78 -9.10
C THR A 144 -16.45 -1.49 -8.46
N ALA A 145 -17.39 -0.63 -8.07
CA ALA A 145 -17.06 0.64 -7.43
C ALA A 145 -16.91 0.50 -5.92
N SER A 146 -17.61 -0.48 -5.35
CA SER A 146 -17.51 -0.83 -3.93
C SER A 146 -18.00 0.27 -2.97
N GLU A 147 -18.55 1.35 -3.51
CA GLU A 147 -19.14 2.40 -2.69
C GLU A 147 -20.46 2.86 -3.31
N LEU A 148 -20.45 3.06 -4.62
CA LEU A 148 -21.55 3.66 -5.38
C LEU A 148 -22.93 3.10 -5.04
N GLY A 149 -23.00 1.79 -4.84
CA GLY A 149 -24.27 1.11 -4.65
C GLY A 149 -24.98 1.45 -3.35
N TYR A 150 -24.29 2.14 -2.46
CA TYR A 150 -24.85 2.48 -1.15
C TYR A 150 -25.29 3.94 -1.05
N VAL A 151 -24.33 4.85 -1.12
CA VAL A 151 -24.58 6.28 -0.92
C VAL A 151 -25.74 6.84 -1.73
N VAL A 152 -25.82 6.47 -3.01
CA VAL A 152 -26.85 7.00 -3.88
C VAL A 152 -27.87 5.95 -4.34
N LEU A 153 -27.38 4.81 -4.84
CA LEU A 153 -28.24 3.82 -5.47
C LEU A 153 -29.30 3.22 -4.55
N ILE A 154 -29.02 3.17 -3.26
CA ILE A 154 -29.99 2.67 -2.31
C ILE A 154 -31.17 3.65 -2.09
N PRO A 155 -30.88 4.92 -1.76
CA PRO A 155 -32.03 5.82 -1.69
C PRO A 155 -32.47 6.32 -3.07
N LEU A 156 -31.73 5.97 -4.13
CA LEU A 156 -32.17 6.29 -5.48
C LEU A 156 -33.19 5.26 -5.94
N SER A 157 -32.96 4.01 -5.58
CA SER A 157 -33.93 2.96 -5.82
C SER A 157 -35.19 3.24 -5.02
N ALA A 158 -35.01 3.80 -3.83
CA ALA A 158 -36.13 4.11 -2.95
C ALA A 158 -36.82 5.42 -3.33
N VAL A 159 -36.21 6.20 -4.21
CA VAL A 159 -36.83 7.44 -4.68
C VAL A 159 -37.44 7.23 -6.07
N ILE A 160 -37.12 6.09 -6.68
CA ILE A 160 -37.74 5.69 -7.94
C ILE A 160 -39.05 4.96 -7.67
N PHE A 161 -39.11 4.24 -6.54
CA PHE A 161 -40.32 3.52 -6.16
C PHE A 161 -41.46 4.43 -5.69
N HIS A 162 -41.17 5.72 -5.56
CA HIS A 162 -42.21 6.68 -5.25
C HIS A 162 -42.56 7.47 -6.52
N SER A 163 -41.84 7.19 -7.59
CA SER A 163 -42.02 7.88 -8.87
C SER A 163 -42.29 6.92 -10.02
N LEU A 164 -41.37 5.99 -10.24
CA LEU A 164 -41.52 4.99 -11.29
C LEU A 164 -41.98 3.64 -10.74
N GLY A 165 -42.07 3.55 -9.41
CA GLY A 165 -42.44 2.30 -8.76
C GLY A 165 -43.75 2.35 -7.99
N ARG A 166 -43.77 1.74 -6.80
CA ARG A 166 -45.00 1.64 -6.02
C ARG A 166 -44.85 2.00 -4.53
N HIS A 167 -43.91 1.37 -3.84
CA HIS A 167 -43.67 1.65 -2.42
C HIS A 167 -42.18 1.66 -2.11
N PRO A 168 -41.71 2.77 -1.53
CA PRO A 168 -40.28 3.05 -1.34
C PRO A 168 -39.65 2.42 -0.10
N LEU A 169 -40.02 1.19 0.23
CA LEU A 169 -39.25 0.41 1.19
C LEU A 169 -38.93 -0.92 0.54
N ALA A 170 -39.48 -1.11 -0.66
CA ALA A 170 -39.15 -2.28 -1.47
C ALA A 170 -38.12 -1.89 -2.51
N GLY A 171 -37.88 -0.59 -2.65
CA GLY A 171 -36.80 -0.10 -3.49
C GLY A 171 -35.54 0.01 -2.65
N LEU A 172 -35.72 0.43 -1.40
CA LEU A 172 -34.67 0.39 -0.40
C LEU A 172 -34.13 -1.03 -0.28
N ALA A 173 -34.99 -2.00 -0.61
CA ALA A 173 -34.66 -3.41 -0.49
C ALA A 173 -34.21 -4.02 -1.82
N ALA A 174 -34.75 -3.51 -2.91
CA ALA A 174 -34.47 -4.05 -4.24
C ALA A 174 -32.99 -3.94 -4.58
N ALA A 175 -32.49 -2.70 -4.59
CA ALA A 175 -31.10 -2.45 -4.94
C ALA A 175 -30.15 -2.96 -3.88
N PHE A 176 -30.61 -3.02 -2.64
CA PHE A 176 -29.80 -3.56 -1.55
C PHE A 176 -29.53 -5.04 -1.76
N ALA A 177 -30.56 -5.77 -2.17
CA ALA A 177 -30.40 -7.17 -2.53
C ALA A 177 -29.51 -7.26 -3.77
N GLY A 178 -29.56 -6.22 -4.59
CA GLY A 178 -28.74 -6.16 -5.79
C GLY A 178 -27.27 -5.95 -5.52
N VAL A 179 -26.94 -5.14 -4.52
CA VAL A 179 -25.54 -4.82 -4.22
C VAL A 179 -24.89 -5.82 -3.27
N SER A 180 -25.37 -5.86 -2.02
CA SER A 180 -24.84 -6.75 -1.01
C SER A 180 -25.01 -8.23 -1.39
N GLY A 181 -26.10 -8.53 -2.08
CA GLY A 181 -26.39 -9.88 -2.54
C GLY A 181 -25.74 -10.21 -3.87
N GLY A 182 -25.75 -9.22 -4.78
CA GLY A 182 -25.09 -9.36 -6.07
C GLY A 182 -23.67 -8.81 -6.02
N TYR A 183 -22.94 -9.25 -5.01
CA TYR A 183 -21.59 -8.77 -4.77
C TYR A 183 -20.58 -9.33 -5.77
N SER A 184 -20.32 -10.63 -5.70
CA SER A 184 -19.17 -11.23 -6.38
C SER A 184 -19.35 -11.59 -7.86
N ALA A 185 -20.57 -11.49 -8.37
CA ALA A 185 -20.80 -11.78 -9.78
C ALA A 185 -21.16 -10.51 -10.53
N ASN A 186 -20.30 -10.08 -11.45
CA ASN A 186 -20.58 -8.86 -12.20
C ASN A 186 -20.00 -8.87 -13.61
N LEU A 187 -20.23 -7.77 -14.31
CA LEU A 187 -19.68 -7.59 -15.65
C LEU A 187 -18.38 -6.80 -15.61
N PHE A 188 -17.51 -7.12 -16.55
CA PHE A 188 -16.16 -6.55 -16.67
C PHE A 188 -15.33 -6.62 -15.39
N LEU A 189 -15.05 -7.85 -14.95
CA LEU A 189 -14.10 -8.11 -13.86
C LEU A 189 -14.30 -7.22 -12.63
N GLY A 190 -13.22 -6.59 -12.18
CA GLY A 190 -13.27 -5.71 -11.03
C GLY A 190 -11.94 -5.63 -10.31
N THR A 191 -12.01 -5.66 -8.99
CA THR A 191 -10.81 -5.66 -8.14
C THR A 191 -10.75 -6.96 -7.35
N ILE A 192 -11.91 -7.55 -7.10
CA ILE A 192 -11.99 -8.84 -6.42
C ILE A 192 -11.62 -9.98 -7.35
N ASP A 193 -11.66 -9.70 -8.66
CA ASP A 193 -11.25 -10.71 -9.63
C ASP A 193 -9.74 -10.99 -9.59
N PRO A 194 -8.90 -9.95 -9.48
CA PRO A 194 -7.49 -10.29 -9.28
C PRO A 194 -7.15 -10.51 -7.81
N LEU A 195 -7.99 -10.00 -6.90
CA LEU A 195 -7.75 -10.16 -5.48
C LEU A 195 -7.93 -11.61 -5.04
N LEU A 196 -9.15 -12.11 -5.19
CA LEU A 196 -9.49 -13.47 -4.83
C LEU A 196 -8.65 -14.48 -5.61
N ALA A 197 -8.41 -14.19 -6.89
CA ALA A 197 -7.61 -15.06 -7.73
C ALA A 197 -6.19 -15.15 -7.20
N GLY A 198 -5.74 -14.08 -6.54
CA GLY A 198 -4.41 -14.05 -6.00
C GLY A 198 -4.26 -14.97 -4.80
N ILE A 199 -5.14 -14.80 -3.82
CA ILE A 199 -5.08 -15.59 -2.59
C ILE A 199 -5.36 -17.06 -2.88
N THR A 200 -6.30 -17.32 -3.79
CA THR A 200 -6.57 -18.69 -4.23
C THR A 200 -5.33 -19.28 -4.90
N GLN A 201 -4.64 -18.47 -5.70
CA GLN A 201 -3.39 -18.89 -6.32
C GLN A 201 -2.36 -19.21 -5.24
N GLN A 202 -2.28 -18.36 -4.22
CA GLN A 202 -1.31 -18.55 -3.15
C GLN A 202 -1.71 -19.65 -2.18
N ALA A 203 -2.85 -20.28 -2.43
CA ALA A 203 -3.28 -21.43 -1.65
C ALA A 203 -2.93 -22.73 -2.39
N ALA A 204 -2.79 -22.60 -3.70
CA ALA A 204 -2.45 -23.74 -4.56
C ALA A 204 -0.94 -23.92 -4.67
N GLN A 205 -0.20 -22.94 -4.15
CA GLN A 205 1.27 -23.01 -4.12
C GLN A 205 1.75 -24.09 -3.16
N ILE A 206 0.82 -24.64 -2.38
CA ILE A 206 1.14 -25.62 -1.35
C ILE A 206 1.24 -27.04 -1.93
N ILE A 207 0.61 -27.28 -3.07
CA ILE A 207 0.57 -28.62 -3.64
C ILE A 207 1.05 -28.70 -5.10
N HIS A 208 0.34 -28.02 -5.99
CA HIS A 208 0.71 -28.00 -7.40
C HIS A 208 1.90 -27.08 -7.62
N PRO A 209 2.11 -26.14 -6.69
CA PRO A 209 3.13 -25.11 -6.53
C PRO A 209 3.17 -24.10 -7.67
N ASP A 210 3.20 -24.58 -8.91
CA ASP A 210 3.37 -23.71 -10.08
C ASP A 210 2.04 -23.25 -10.69
N TYR A 211 0.97 -23.32 -9.90
CA TYR A 211 -0.36 -22.98 -10.40
C TYR A 211 -0.55 -21.46 -10.46
N VAL A 212 -1.16 -20.98 -11.54
CA VAL A 212 -1.42 -19.56 -11.73
C VAL A 212 -2.90 -19.26 -11.95
N VAL A 213 -3.51 -18.50 -11.04
CA VAL A 213 -4.92 -18.16 -11.13
C VAL A 213 -5.13 -16.71 -11.57
N GLY A 214 -5.43 -16.51 -12.85
CA GLY A 214 -5.66 -15.18 -13.38
C GLY A 214 -6.96 -14.58 -12.89
N PRO A 215 -7.16 -13.28 -13.16
CA PRO A 215 -8.39 -12.60 -12.72
C PRO A 215 -9.59 -12.98 -13.61
N GLU A 216 -9.30 -13.41 -14.83
CA GLU A 216 -10.34 -13.73 -15.81
C GLU A 216 -10.85 -15.15 -15.69
N ALA A 217 -10.29 -15.90 -14.74
CA ALA A 217 -10.64 -17.31 -14.58
C ALA A 217 -12.11 -17.52 -14.28
N ASN A 218 -12.69 -16.61 -13.49
CA ASN A 218 -14.09 -16.71 -13.11
C ASN A 218 -15.00 -15.89 -14.01
N TRP A 219 -14.39 -15.19 -14.97
CA TRP A 219 -15.12 -14.25 -15.82
C TRP A 219 -16.26 -14.86 -16.66
N PHE A 220 -16.07 -16.09 -17.14
CA PHE A 220 -17.12 -16.77 -17.88
C PHE A 220 -18.30 -17.09 -16.97
N PHE A 221 -17.99 -17.50 -15.76
CA PHE A 221 -19.02 -17.84 -14.77
C PHE A 221 -19.83 -16.60 -14.37
N MET A 222 -19.18 -15.68 -13.66
CA MET A 222 -19.87 -14.57 -13.01
C MET A 222 -20.68 -13.68 -13.96
N ALA A 223 -20.24 -13.56 -15.20
CA ALA A 223 -20.94 -12.73 -16.18
C ALA A 223 -22.35 -13.25 -16.43
N ALA A 224 -22.46 -14.54 -16.71
CA ALA A 224 -23.76 -15.15 -16.98
C ALA A 224 -24.57 -15.23 -15.69
N SER A 225 -23.87 -15.28 -14.56
CA SER A 225 -24.51 -15.39 -13.25
C SER A 225 -25.05 -14.05 -12.78
N THR A 226 -24.96 -13.04 -13.65
CA THR A 226 -25.48 -11.71 -13.35
C THR A 226 -26.95 -11.61 -13.75
N PHE A 227 -27.41 -12.59 -14.52
CA PHE A 227 -28.78 -12.57 -15.01
C PHE A 227 -29.70 -13.37 -14.12
N VAL A 228 -29.19 -14.48 -13.58
CA VAL A 228 -29.96 -15.32 -12.67
C VAL A 228 -30.46 -14.47 -11.51
N ILE A 229 -29.58 -13.64 -11.00
CA ILE A 229 -29.90 -12.76 -9.89
C ILE A 229 -30.71 -11.55 -10.35
N ALA A 230 -30.80 -11.38 -11.67
CA ALA A 230 -31.58 -10.30 -12.25
C ALA A 230 -33.02 -10.74 -12.52
N LEU A 231 -33.19 -12.01 -12.88
CA LEU A 231 -34.53 -12.57 -13.14
C LEU A 231 -35.28 -12.82 -11.85
N ILE A 232 -34.54 -13.02 -10.76
CA ILE A 232 -35.13 -13.08 -9.43
C ILE A 232 -35.36 -11.63 -8.97
N GLY A 233 -35.14 -10.71 -9.91
CA GLY A 233 -35.53 -9.33 -9.73
C GLY A 233 -36.99 -9.13 -10.12
N TYR A 234 -37.71 -10.24 -10.23
CA TYR A 234 -39.16 -10.21 -10.33
C TYR A 234 -39.71 -10.85 -9.07
N PHE A 235 -38.79 -11.35 -8.25
CA PHE A 235 -39.12 -11.92 -6.96
C PHE A 235 -39.21 -10.81 -5.91
N VAL A 236 -38.65 -9.65 -6.26
CA VAL A 236 -38.89 -8.44 -5.47
C VAL A 236 -40.33 -7.98 -5.70
N THR A 237 -40.82 -8.23 -6.91
CA THR A 237 -42.22 -7.93 -7.23
C THR A 237 -43.13 -8.80 -6.37
N GLU A 238 -42.60 -9.92 -5.89
CA GLU A 238 -43.32 -10.78 -4.95
C GLU A 238 -43.00 -10.40 -3.51
N LYS A 239 -42.03 -9.50 -3.34
CA LYS A 239 -41.59 -9.09 -2.01
C LYS A 239 -42.15 -7.73 -1.61
N ILE A 240 -42.61 -6.96 -2.59
CA ILE A 240 -43.32 -5.72 -2.32
C ILE A 240 -44.75 -6.07 -1.90
N VAL A 241 -45.25 -7.18 -2.42
CA VAL A 241 -46.59 -7.66 -2.08
C VAL A 241 -46.71 -7.93 -0.58
N GLU A 242 -45.68 -8.54 0.00
CA GLU A 242 -45.60 -8.74 1.44
C GLU A 242 -45.76 -7.39 2.15
N PRO A 243 -46.40 -7.39 3.35
CA PRO A 243 -46.93 -6.22 4.06
C PRO A 243 -46.74 -4.84 3.42
N GLN A 244 -47.21 -4.67 2.20
CA GLN A 244 -47.25 -3.36 1.57
C GLN A 244 -48.24 -2.50 2.36
N LEU A 245 -47.94 -1.23 2.50
CA LEU A 245 -48.80 -0.35 3.27
C LEU A 245 -49.43 0.71 2.38
N GLY A 246 -49.98 1.76 2.98
CA GLY A 246 -50.62 2.82 2.23
C GLY A 246 -49.94 4.18 1.98
N PRO A 247 -48.64 4.34 2.32
CA PRO A 247 -48.07 5.65 1.95
C PRO A 247 -48.05 5.90 0.45
N TYR A 248 -48.74 6.97 0.03
CA TYR A 248 -48.80 7.37 -1.37
C TYR A 248 -48.07 8.71 -1.55
N GLN A 249 -46.80 8.63 -1.94
CA GLN A 249 -45.91 9.79 -1.93
C GLN A 249 -45.94 10.45 -0.55
N SER A 250 -45.63 11.75 -0.50
CA SER A 250 -45.89 12.58 0.68
C SER A 250 -45.33 12.06 2.02
N ASP A 251 -44.77 10.86 2.03
CA ASP A 251 -44.45 10.18 3.28
C ASP A 251 -42.96 10.05 3.57
N LEU A 252 -42.55 10.72 4.64
CA LEU A 252 -41.25 10.49 5.29
C LEU A 252 -40.00 10.94 4.52
N SER A 253 -40.14 11.22 3.23
CA SER A 253 -38.97 11.60 2.44
C SER A 253 -38.95 13.08 2.08
N GLN A 254 -40.14 13.67 1.96
CA GLN A 254 -40.28 15.11 1.81
C GLN A 254 -39.55 15.70 0.60
N GLU A 255 -38.94 16.87 0.79
CA GLU A 255 -38.29 17.60 -0.28
C GLU A 255 -36.95 16.98 -0.66
N GLU A 256 -36.57 15.94 0.06
CA GLU A 256 -35.37 15.19 -0.26
C GLU A 256 -35.64 14.23 -1.42
N LYS A 257 -36.89 14.21 -1.89
CA LYS A 257 -37.25 13.37 -3.02
C LYS A 257 -36.88 13.99 -4.36
N ASP A 258 -37.25 15.26 -4.55
CA ASP A 258 -37.01 15.92 -5.82
C ASP A 258 -35.60 16.49 -5.92
N ILE A 259 -34.92 16.60 -4.78
CA ILE A 259 -33.51 16.96 -4.77
C ILE A 259 -32.69 15.76 -5.22
N ARG A 260 -33.24 14.57 -4.98
CA ARG A 260 -32.67 13.32 -5.46
C ARG A 260 -32.91 13.14 -6.96
N HIS A 261 -33.47 14.15 -7.60
CA HIS A 261 -33.66 14.14 -9.04
C HIS A 261 -32.56 14.95 -9.71
N SER A 262 -31.92 15.82 -8.93
CA SER A 262 -30.88 16.70 -9.45
C SER A 262 -29.65 15.92 -9.92
N ASN A 263 -29.55 14.66 -9.52
CA ASN A 263 -28.45 13.81 -9.95
C ASN A 263 -28.82 12.95 -11.15
N GLU A 264 -29.94 13.28 -11.79
CA GLU A 264 -30.43 12.49 -12.92
C GLU A 264 -29.48 12.54 -14.10
N ILE A 265 -29.57 13.61 -14.90
CA ILE A 265 -28.67 13.76 -16.03
C ILE A 265 -28.65 15.19 -16.55
N THR A 266 -27.53 15.55 -17.17
CA THR A 266 -27.41 16.79 -17.92
C THR A 266 -26.71 16.42 -19.21
N PRO A 267 -26.88 17.22 -20.28
CA PRO A 267 -26.24 16.90 -21.56
C PRO A 267 -24.70 16.83 -21.48
N LEU A 268 -24.12 17.26 -20.37
CA LEU A 268 -22.68 17.17 -20.16
C LEU A 268 -22.25 15.71 -20.04
N GLU A 269 -22.94 14.95 -19.19
CA GLU A 269 -22.65 13.54 -19.02
C GLU A 269 -23.16 12.71 -20.18
N TYR A 270 -24.05 13.29 -20.98
CA TYR A 270 -24.52 12.66 -22.20
C TYR A 270 -23.39 12.65 -23.23
N LYS A 271 -22.90 13.84 -23.55
CA LYS A 271 -21.77 13.99 -24.48
C LYS A 271 -20.50 13.41 -23.86
N GLY A 272 -20.46 13.34 -22.54
CA GLY A 272 -19.31 12.81 -21.83
C GLY A 272 -19.26 11.29 -21.88
N LEU A 273 -20.39 10.65 -21.60
CA LEU A 273 -20.45 9.20 -21.62
C LEU A 273 -20.39 8.69 -23.07
N ILE A 274 -20.82 9.53 -24.00
CA ILE A 274 -20.77 9.16 -25.41
C ILE A 274 -19.33 9.27 -25.91
N TRP A 275 -18.55 10.13 -25.27
CA TRP A 275 -17.17 10.35 -25.70
C TRP A 275 -16.18 9.56 -24.87
N ALA A 276 -16.60 9.15 -23.68
CA ALA A 276 -15.81 8.23 -22.87
C ALA A 276 -16.17 6.81 -23.26
N GLY A 277 -17.41 6.61 -23.66
CA GLY A 277 -17.86 5.32 -24.15
C GLY A 277 -17.16 5.01 -25.45
N VAL A 278 -17.06 6.02 -26.32
CA VAL A 278 -16.28 5.93 -27.54
C VAL A 278 -14.85 5.48 -27.22
N VAL A 279 -14.24 6.09 -26.20
CA VAL A 279 -12.90 5.72 -25.77
C VAL A 279 -12.83 4.31 -25.24
N PHE A 280 -13.80 3.95 -24.39
CA PHE A 280 -13.89 2.62 -23.82
C PHE A 280 -13.95 1.57 -24.94
N ILE A 281 -14.87 1.77 -25.88
CA ILE A 281 -15.05 0.82 -26.97
C ILE A 281 -13.94 0.92 -28.01
N ALA A 282 -13.11 1.96 -27.90
CA ALA A 282 -11.94 2.09 -28.75
C ALA A 282 -10.73 1.49 -28.06
N LEU A 283 -10.90 1.11 -26.80
CA LEU A 283 -9.84 0.49 -26.03
C LEU A 283 -9.87 -1.02 -26.15
N SER A 284 -11.06 -1.59 -26.00
CA SER A 284 -11.23 -3.03 -26.16
C SER A 284 -10.94 -3.43 -27.60
N ALA A 285 -11.16 -2.49 -28.52
CA ALA A 285 -10.89 -2.69 -29.94
C ALA A 285 -9.40 -2.90 -30.18
N LEU A 286 -8.58 -2.27 -29.34
CA LEU A 286 -7.14 -2.40 -29.44
C LEU A 286 -6.68 -3.74 -28.88
N LEU A 287 -7.29 -4.15 -27.77
CA LEU A 287 -6.88 -5.36 -27.08
C LEU A 287 -7.33 -6.64 -27.80
N ALA A 288 -8.12 -6.48 -28.86
CA ALA A 288 -8.60 -7.63 -29.62
C ALA A 288 -7.68 -7.91 -30.81
N TRP A 289 -7.21 -6.84 -31.45
CA TRP A 289 -6.32 -6.92 -32.61
C TRP A 289 -5.06 -7.72 -32.31
N SER A 290 -4.64 -7.69 -31.04
CA SER A 290 -3.39 -8.31 -30.64
C SER A 290 -3.48 -9.84 -30.58
N ILE A 291 -4.69 -10.34 -30.35
CA ILE A 291 -4.89 -11.77 -30.07
C ILE A 291 -5.69 -12.51 -31.15
N VAL A 292 -6.34 -11.75 -32.03
CA VAL A 292 -7.22 -12.37 -33.04
C VAL A 292 -6.52 -13.27 -34.09
N PRO A 293 -5.51 -12.76 -34.81
CA PRO A 293 -4.97 -13.58 -35.91
C PRO A 293 -4.00 -14.65 -35.45
N ALA A 294 -3.81 -15.67 -36.28
CA ALA A 294 -2.80 -16.70 -36.02
C ALA A 294 -1.44 -16.22 -36.51
N ASP A 295 -1.48 -15.16 -37.31
CA ASP A 295 -0.27 -14.52 -37.80
C ASP A 295 -0.03 -13.27 -36.94
N GLY A 296 -0.74 -13.21 -35.82
CA GLY A 296 -0.72 -12.04 -34.95
C GLY A 296 0.57 -11.83 -34.20
N ILE A 297 0.63 -10.75 -33.43
CA ILE A 297 1.85 -10.34 -32.76
C ILE A 297 1.94 -10.82 -31.31
N LEU A 298 0.81 -10.85 -30.61
CA LEU A 298 0.80 -11.26 -29.21
C LEU A 298 0.18 -12.65 -29.02
N ARG A 299 1.06 -13.64 -28.93
CA ARG A 299 0.67 -14.99 -28.54
C ARG A 299 1.82 -15.54 -27.71
N HIS A 300 1.88 -16.86 -27.56
CA HIS A 300 3.08 -17.48 -27.03
C HIS A 300 4.10 -17.46 -28.15
N PRO A 301 5.18 -16.68 -27.98
CA PRO A 301 6.16 -16.36 -29.03
C PRO A 301 6.53 -17.53 -29.97
N GLU A 302 7.17 -18.56 -29.45
CA GLU A 302 7.69 -19.62 -30.32
C GLU A 302 6.78 -20.86 -30.44
N THR A 303 5.56 -20.74 -29.94
CA THR A 303 4.58 -21.81 -30.09
C THR A 303 3.19 -21.26 -30.40
N GLY A 304 2.66 -21.65 -31.56
CA GLY A 304 1.32 -21.23 -31.95
C GLY A 304 0.31 -21.56 -30.88
N LEU A 305 -0.06 -20.55 -30.10
CA LEU A 305 -0.91 -20.75 -28.94
C LEU A 305 -1.85 -19.57 -28.69
N VAL A 306 -2.54 -19.62 -27.56
CA VAL A 306 -3.39 -18.51 -27.12
C VAL A 306 -3.31 -18.39 -25.60
N ALA A 307 -3.49 -19.50 -24.90
CA ALA A 307 -3.37 -19.53 -23.45
C ALA A 307 -1.91 -19.74 -23.04
N GLY A 308 -1.56 -19.25 -21.85
CA GLY A 308 -0.19 -19.33 -21.37
C GLY A 308 0.62 -18.17 -21.90
N SER A 309 0.07 -17.47 -22.88
CA SER A 309 0.69 -16.30 -23.46
C SER A 309 0.68 -15.15 -22.45
N PRO A 310 1.57 -14.16 -22.62
CA PRO A 310 1.63 -12.99 -21.74
C PRO A 310 0.32 -12.19 -21.69
N PHE A 311 -0.61 -12.48 -22.61
CA PHE A 311 -1.91 -11.81 -22.63
C PHE A 311 -2.65 -12.00 -21.32
N LEU A 312 -2.93 -13.25 -20.97
CA LEU A 312 -3.62 -13.59 -19.73
C LEU A 312 -2.80 -13.20 -18.50
N LYS A 313 -1.50 -13.06 -18.70
CA LYS A 313 -0.59 -12.68 -17.63
C LYS A 313 -0.60 -11.16 -17.47
N SER A 314 -0.99 -10.46 -18.53
CA SER A 314 -1.02 -9.00 -18.51
C SER A 314 -2.45 -8.47 -18.55
N ILE A 315 -3.41 -9.34 -18.24
CA ILE A 315 -4.81 -8.93 -18.20
C ILE A 315 -5.11 -8.36 -16.81
N VAL A 316 -4.10 -8.38 -15.95
CA VAL A 316 -4.17 -7.68 -14.67
C VAL A 316 -3.92 -6.20 -14.94
N VAL A 317 -3.19 -5.93 -16.03
CA VAL A 317 -2.89 -4.59 -16.47
C VAL A 317 -4.03 -4.02 -17.32
N PHE A 318 -4.60 -4.88 -18.16
CA PHE A 318 -5.65 -4.47 -19.09
C PHE A 318 -6.88 -3.92 -18.38
N ILE A 319 -7.21 -4.47 -17.22
CA ILE A 319 -8.36 -3.99 -16.45
C ILE A 319 -8.02 -2.66 -15.79
N PHE A 320 -6.73 -2.39 -15.64
CA PHE A 320 -6.29 -1.08 -15.17
C PHE A 320 -6.37 -0.08 -16.31
N LEU A 321 -6.14 -0.56 -17.53
CA LEU A 321 -6.15 0.30 -18.71
C LEU A 321 -7.57 0.65 -19.15
N LEU A 322 -8.42 -0.37 -19.22
CA LEU A 322 -9.79 -0.22 -19.69
C LEU A 322 -10.67 0.55 -18.72
N PHE A 323 -10.16 0.77 -17.51
CA PHE A 323 -10.87 1.55 -16.50
C PHE A 323 -10.36 2.98 -16.43
N ALA A 324 -9.05 3.13 -16.37
CA ALA A 324 -8.41 4.43 -16.21
C ALA A 324 -8.60 5.35 -17.43
N LEU A 325 -8.23 4.85 -18.60
CA LEU A 325 -8.27 5.66 -19.83
C LEU A 325 -9.63 6.24 -20.23
N PRO A 326 -10.72 5.47 -20.10
CA PRO A 326 -12.01 6.11 -20.42
C PRO A 326 -12.38 7.12 -19.34
N GLY A 327 -11.95 6.87 -18.11
CA GLY A 327 -12.23 7.77 -17.01
C GLY A 327 -11.59 9.14 -17.18
N ILE A 328 -10.38 9.15 -17.73
CA ILE A 328 -9.66 10.39 -17.99
C ILE A 328 -10.38 11.24 -19.03
N VAL A 329 -10.74 10.63 -20.15
CA VAL A 329 -11.47 11.35 -21.21
C VAL A 329 -12.80 11.88 -20.69
N TYR A 330 -13.47 11.09 -19.87
CA TYR A 330 -14.73 11.54 -19.26
C TYR A 330 -14.49 12.69 -18.28
N GLY A 331 -13.25 12.79 -17.79
CA GLY A 331 -12.90 13.82 -16.83
C GLY A 331 -12.29 15.05 -17.47
N ARG A 332 -11.84 14.92 -18.71
CA ARG A 332 -11.26 16.04 -19.44
C ARG A 332 -12.27 16.63 -20.43
N ILE A 333 -13.23 15.80 -20.85
CA ILE A 333 -14.27 16.26 -21.77
C ILE A 333 -15.43 16.93 -21.03
N THR A 334 -15.79 16.38 -19.88
CA THR A 334 -16.83 16.97 -19.05
C THR A 334 -16.20 17.90 -18.02
N ARG A 335 -14.87 17.94 -18.02
CA ARG A 335 -14.10 18.75 -17.07
C ARG A 335 -14.45 18.38 -15.63
N SER A 336 -14.70 17.09 -15.39
CA SER A 336 -15.02 16.60 -14.06
C SER A 336 -13.78 16.72 -13.17
N LEU A 337 -12.62 16.65 -13.80
CA LEU A 337 -11.35 16.97 -13.16
C LEU A 337 -10.34 17.44 -14.23
N ARG A 338 -9.91 18.69 -14.10
CA ARG A 338 -9.17 19.37 -15.17
C ARG A 338 -7.69 19.00 -15.25
N GLY A 339 -6.92 19.53 -14.30
CA GLY A 339 -5.47 19.45 -14.34
C GLY A 339 -4.86 18.09 -14.56
N GLU A 340 -3.65 18.08 -15.11
CA GLU A 340 -2.91 16.85 -15.34
C GLU A 340 -2.19 16.43 -14.06
N ARG A 341 -2.14 17.36 -13.10
CA ARG A 341 -1.61 17.07 -11.78
C ARG A 341 -2.77 16.79 -10.83
N GLU A 342 -3.98 16.83 -11.37
CA GLU A 342 -5.20 16.60 -10.58
C GLU A 342 -5.56 15.13 -10.54
N VAL A 343 -5.44 14.45 -11.67
CA VAL A 343 -5.73 13.03 -11.75
C VAL A 343 -4.70 12.21 -10.96
N VAL A 344 -3.51 12.77 -10.80
CA VAL A 344 -2.42 12.10 -10.07
C VAL A 344 -2.54 12.33 -8.56
N ASN A 345 -2.94 13.55 -8.19
CA ASN A 345 -3.21 13.86 -6.79
C ASN A 345 -4.44 13.10 -6.27
N ALA A 346 -5.17 12.48 -7.20
CA ALA A 346 -6.39 11.75 -6.87
C ALA A 346 -6.19 10.22 -6.87
N MET A 347 -5.15 9.75 -7.55
CA MET A 347 -4.84 8.31 -7.54
C MET A 347 -4.34 7.88 -6.17
N ALA A 348 -3.86 8.86 -5.41
CA ALA A 348 -3.26 8.59 -4.10
C ALA A 348 -4.31 8.37 -3.02
N GLU A 349 -5.55 8.78 -3.29
CA GLU A 349 -6.64 8.66 -2.33
C GLU A 349 -7.13 7.22 -2.26
N SER A 350 -7.04 6.53 -3.40
CA SER A 350 -7.53 5.16 -3.50
C SER A 350 -6.69 4.17 -2.70
N MET A 351 -5.36 4.30 -2.78
CA MET A 351 -4.46 3.34 -2.13
C MET A 351 -4.48 3.47 -0.60
N SER A 352 -5.09 4.55 -0.13
CA SER A 352 -5.25 4.77 1.31
C SER A 352 -6.29 3.81 1.87
N THR A 353 -7.32 3.55 1.08
CA THR A 353 -8.45 2.73 1.52
C THR A 353 -8.03 1.30 1.87
N LEU A 354 -6.92 0.84 1.31
CA LEU A 354 -6.46 -0.53 1.54
C LEU A 354 -5.62 -0.65 2.82
N GLY A 355 -5.87 0.23 3.78
CA GLY A 355 -5.05 0.31 4.99
C GLY A 355 -5.00 -0.99 5.77
N LEU A 356 -6.16 -1.62 5.90
CA LEU A 356 -6.26 -2.89 6.60
C LEU A 356 -5.86 -4.01 5.66
N TYR A 357 -6.21 -3.85 4.38
CA TYR A 357 -5.94 -4.85 3.36
C TYR A 357 -4.49 -5.28 3.32
N LEU A 358 -3.58 -4.35 3.51
CA LEU A 358 -2.16 -4.69 3.48
C LEU A 358 -1.77 -5.54 4.68
N VAL A 359 -2.22 -5.13 5.86
CA VAL A 359 -1.87 -5.85 7.09
C VAL A 359 -2.32 -7.31 7.02
N ILE A 360 -3.60 -7.53 6.73
CA ILE A 360 -4.12 -8.89 6.60
C ILE A 360 -3.43 -9.65 5.46
N ILE A 361 -2.88 -8.89 4.51
CA ILE A 361 -2.16 -9.50 3.40
C ILE A 361 -0.66 -9.57 3.68
N PHE A 362 -0.23 -8.89 4.74
CA PHE A 362 1.12 -9.04 5.24
C PHE A 362 1.18 -10.27 6.13
N PHE A 363 0.08 -10.50 6.85
CA PHE A 363 -0.03 -11.66 7.73
C PHE A 363 -0.55 -12.89 7.00
N ALA A 364 -1.19 -12.71 5.85
CA ALA A 364 -1.57 -13.85 5.00
C ALA A 364 -0.34 -14.35 4.28
N ALA A 365 0.49 -13.43 3.81
CA ALA A 365 1.79 -13.77 3.27
C ALA A 365 2.58 -14.44 4.36
N GLN A 366 2.42 -13.92 5.57
CA GLN A 366 3.10 -14.49 6.74
C GLN A 366 2.33 -15.63 7.37
N PHE A 367 1.24 -16.07 6.74
CA PHE A 367 0.50 -17.23 7.23
C PHE A 367 0.68 -18.41 6.29
N VAL A 368 0.55 -18.17 5.00
CA VAL A 368 0.80 -19.19 3.99
C VAL A 368 2.31 -19.46 3.90
N ALA A 369 3.11 -18.58 4.49
CA ALA A 369 4.54 -18.80 4.58
C ALA A 369 4.80 -19.92 5.58
N PHE A 370 4.47 -19.64 6.84
CA PHE A 370 4.59 -20.60 7.92
C PHE A 370 3.92 -21.91 7.51
N PHE A 371 2.72 -21.78 6.95
CA PHE A 371 1.89 -22.93 6.58
C PHE A 371 2.53 -23.83 5.54
N ASN A 372 3.23 -23.23 4.59
CA ASN A 372 3.77 -23.96 3.45
C ASN A 372 5.13 -24.59 3.71
N TRP A 373 6.06 -23.83 4.32
CA TRP A 373 7.39 -24.38 4.54
C TRP A 373 7.55 -25.07 5.90
N THR A 374 6.42 -25.31 6.57
CA THR A 374 6.40 -26.21 7.72
C THR A 374 5.67 -27.49 7.32
N ASN A 375 5.25 -27.55 6.06
CA ASN A 375 4.63 -28.71 5.45
C ASN A 375 3.35 -29.22 6.13
N ILE A 376 2.87 -28.48 7.12
CA ILE A 376 1.65 -28.82 7.82
C ILE A 376 0.43 -28.60 6.90
N GLY A 377 0.54 -27.60 6.03
CA GLY A 377 -0.53 -27.30 5.08
C GLY A 377 -0.81 -28.44 4.11
N GLN A 378 0.22 -29.20 3.78
CA GLN A 378 0.08 -30.34 2.88
C GLN A 378 -0.44 -31.55 3.66
N TYR A 379 -0.17 -31.54 4.97
CA TYR A 379 -0.63 -32.61 5.85
C TYR A 379 -2.14 -32.50 6.05
N ILE A 380 -2.60 -31.28 6.33
CA ILE A 380 -4.02 -30.99 6.45
C ILE A 380 -4.72 -31.25 5.12
N ALA A 381 -3.99 -30.98 4.03
CA ALA A 381 -4.47 -31.21 2.68
C ALA A 381 -4.79 -32.67 2.39
N VAL A 382 -3.89 -33.57 2.80
CA VAL A 382 -4.05 -34.99 2.50
C VAL A 382 -4.96 -35.72 3.48
N LYS A 383 -4.99 -35.25 4.73
CA LYS A 383 -5.87 -35.85 5.74
C LYS A 383 -7.33 -35.44 5.51
N GLY A 384 -7.53 -34.43 4.66
CA GLY A 384 -8.87 -34.04 4.28
C GLY A 384 -9.20 -34.50 2.87
N ALA A 385 -8.18 -34.92 2.14
CA ALA A 385 -8.35 -35.45 0.79
C ALA A 385 -8.80 -36.90 0.85
N VAL A 386 -8.36 -37.61 1.89
CA VAL A 386 -8.80 -38.97 2.13
C VAL A 386 -10.20 -38.95 2.73
N PHE A 387 -10.64 -37.76 3.13
CA PHE A 387 -11.94 -37.59 3.77
C PHE A 387 -13.05 -37.43 2.74
N LEU A 388 -12.90 -36.48 1.82
CA LEU A 388 -13.99 -36.11 0.92
C LEU A 388 -14.19 -37.01 -0.30
N LYS A 389 -13.26 -37.93 -0.53
CA LYS A 389 -13.41 -38.89 -1.62
C LYS A 389 -13.88 -40.24 -1.08
N GLU A 390 -14.35 -40.24 0.17
CA GLU A 390 -14.78 -41.46 0.83
C GLU A 390 -16.28 -41.68 0.69
N VAL A 391 -17.06 -40.67 1.04
CA VAL A 391 -18.51 -40.77 1.11
C VAL A 391 -19.13 -41.13 -0.24
N GLY A 392 -18.51 -40.66 -1.32
CA GLY A 392 -19.06 -40.79 -2.65
C GLY A 392 -19.49 -39.42 -3.13
N LEU A 393 -18.82 -38.41 -2.59
CA LEU A 393 -19.13 -37.00 -2.87
C LEU A 393 -18.72 -36.59 -4.27
N ALA A 394 -19.66 -36.72 -5.21
CA ALA A 394 -19.39 -36.37 -6.59
C ALA A 394 -19.23 -34.87 -6.76
N GLY A 395 -19.04 -34.44 -8.01
CA GLY A 395 -18.82 -33.05 -8.33
C GLY A 395 -19.97 -32.15 -7.89
N SER A 396 -21.18 -32.69 -7.92
CA SER A 396 -22.35 -31.92 -7.51
C SER A 396 -22.62 -32.05 -6.02
N VAL A 397 -22.49 -33.27 -5.51
CA VAL A 397 -22.86 -33.58 -4.13
C VAL A 397 -21.94 -32.91 -3.11
N LEU A 398 -20.63 -32.94 -3.36
CA LEU A 398 -19.65 -32.37 -2.45
C LEU A 398 -19.74 -30.83 -2.36
N PHE A 399 -19.98 -30.20 -3.50
CA PHE A 399 -19.92 -28.74 -3.59
C PHE A 399 -21.21 -28.03 -3.18
N ILE A 400 -22.04 -28.72 -2.41
CA ILE A 400 -23.17 -28.08 -1.76
C ILE A 400 -22.78 -27.93 -0.30
N GLY A 401 -21.92 -28.84 0.16
CA GLY A 401 -21.40 -28.79 1.51
C GLY A 401 -20.39 -27.66 1.66
N PHE A 402 -19.80 -27.27 0.53
CA PHE A 402 -18.84 -26.19 0.51
C PHE A 402 -19.54 -24.84 0.58
N ILE A 403 -20.50 -24.62 -0.32
CA ILE A 403 -21.21 -23.35 -0.40
C ILE A 403 -21.78 -22.92 0.94
N LEU A 404 -22.27 -23.87 1.73
CA LEU A 404 -22.93 -23.57 3.00
C LEU A 404 -21.98 -23.24 4.15
N ILE A 405 -20.85 -23.94 4.22
CA ILE A 405 -19.87 -23.70 5.28
C ILE A 405 -19.27 -22.30 5.16
N CYS A 406 -18.97 -21.88 3.94
CA CYS A 406 -18.39 -20.56 3.71
C CYS A 406 -19.47 -19.47 3.67
N ALA A 407 -20.73 -19.89 3.58
CA ALA A 407 -21.84 -18.96 3.73
C ALA A 407 -22.32 -18.97 5.17
N PHE A 408 -21.65 -19.76 6.01
CA PHE A 408 -21.93 -19.75 7.43
C PHE A 408 -20.83 -19.04 8.21
N ILE A 409 -19.57 -19.38 7.91
CA ILE A 409 -18.44 -18.73 8.54
C ILE A 409 -18.37 -17.26 8.11
N ASN A 410 -19.04 -16.94 7.00
CA ASN A 410 -19.09 -15.59 6.49
C ASN A 410 -19.83 -14.63 7.42
N LEU A 411 -20.54 -15.18 8.40
CA LEU A 411 -21.29 -14.38 9.36
C LEU A 411 -20.48 -14.11 10.62
N MET A 412 -19.27 -14.66 10.66
CA MET A 412 -18.42 -14.51 11.84
C MET A 412 -17.22 -13.61 11.56
N ILE A 413 -16.34 -14.08 10.67
CA ILE A 413 -15.15 -13.33 10.30
C ILE A 413 -15.20 -12.97 8.81
N GLY A 414 -16.26 -13.39 8.14
CA GLY A 414 -16.40 -13.19 6.71
C GLY A 414 -16.59 -11.75 6.25
N SER A 415 -15.62 -11.27 5.47
CA SER A 415 -15.71 -9.96 4.83
C SER A 415 -14.75 -9.86 3.66
N ALA A 416 -15.25 -10.24 2.48
CA ALA A 416 -14.47 -10.25 1.24
C ALA A 416 -13.29 -11.21 1.30
N SER A 417 -12.12 -10.67 1.54
CA SER A 417 -10.90 -11.46 1.54
C SER A 417 -10.39 -11.60 2.97
N ALA A 418 -11.15 -11.11 3.92
CA ALA A 418 -10.74 -11.14 5.33
C ALA A 418 -10.85 -12.56 5.88
N GLN A 419 -11.78 -13.33 5.32
CA GLN A 419 -11.93 -14.71 5.68
C GLN A 419 -11.25 -15.60 4.66
N TRP A 420 -11.26 -15.17 3.40
CA TRP A 420 -10.72 -16.00 2.35
C TRP A 420 -9.23 -16.23 2.54
N ALA A 421 -8.53 -15.20 2.99
CA ALA A 421 -7.13 -15.33 3.34
C ALA A 421 -6.94 -16.27 4.54
N VAL A 422 -8.05 -16.61 5.19
CA VAL A 422 -8.02 -17.49 6.35
C VAL A 422 -8.40 -18.92 5.97
N THR A 423 -9.47 -19.07 5.17
CA THR A 423 -10.00 -20.41 4.83
C THR A 423 -9.51 -20.99 3.51
N ALA A 424 -8.93 -20.17 2.65
CA ALA A 424 -8.26 -20.70 1.45
C ALA A 424 -7.08 -21.61 1.74
N PRO A 425 -6.22 -21.24 2.71
CA PRO A 425 -5.12 -22.17 3.02
C PRO A 425 -5.57 -23.48 3.67
N ILE A 426 -6.84 -23.60 4.05
CA ILE A 426 -7.33 -24.82 4.68
C ILE A 426 -8.22 -25.63 3.76
N PHE A 427 -8.96 -24.95 2.88
CA PHE A 427 -9.96 -25.60 2.04
C PHE A 427 -9.44 -26.02 0.68
N VAL A 428 -8.87 -25.07 -0.04
CA VAL A 428 -8.31 -25.34 -1.36
C VAL A 428 -7.26 -26.46 -1.42
N PRO A 429 -6.33 -26.53 -0.43
CA PRO A 429 -5.39 -27.64 -0.47
C PRO A 429 -6.07 -29.01 -0.50
N MET A 430 -6.93 -29.28 0.47
CA MET A 430 -7.57 -30.60 0.57
C MET A 430 -8.62 -30.87 -0.51
N LEU A 431 -9.28 -29.82 -1.00
CA LEU A 431 -10.35 -29.99 -1.99
C LEU A 431 -9.86 -29.98 -3.43
N MET A 432 -8.58 -29.67 -3.63
CA MET A 432 -7.99 -29.82 -4.95
C MET A 432 -7.66 -31.28 -5.18
N LEU A 433 -7.09 -31.92 -4.16
CA LEU A 433 -6.71 -33.32 -4.23
C LEU A 433 -7.94 -34.21 -4.37
N ALA A 434 -9.09 -33.66 -4.00
CA ALA A 434 -10.36 -34.37 -4.14
C ALA A 434 -10.73 -34.54 -5.60
N GLY A 435 -10.03 -33.83 -6.48
CA GLY A 435 -10.26 -33.93 -7.90
C GLY A 435 -10.92 -32.69 -8.48
N TYR A 436 -10.79 -31.57 -7.77
CA TYR A 436 -11.45 -30.34 -8.17
C TYR A 436 -10.51 -29.14 -8.11
N ALA A 437 -10.10 -28.66 -9.27
CA ALA A 437 -9.12 -27.58 -9.38
C ALA A 437 -9.60 -26.31 -8.68
N PRO A 438 -8.65 -25.54 -8.11
CA PRO A 438 -8.89 -24.29 -7.40
C PRO A 438 -9.70 -23.25 -8.19
N GLU A 439 -9.76 -23.38 -9.51
CA GLU A 439 -10.52 -22.42 -10.31
C GLU A 439 -12.01 -22.46 -9.98
N VAL A 440 -12.57 -23.66 -9.91
CA VAL A 440 -13.99 -23.80 -9.58
C VAL A 440 -14.23 -23.73 -8.07
N ILE A 441 -13.16 -23.90 -7.30
CA ILE A 441 -13.22 -23.73 -5.85
C ILE A 441 -13.34 -22.24 -5.52
N GLN A 442 -12.58 -21.43 -6.24
CA GLN A 442 -12.66 -19.98 -6.06
C GLN A 442 -14.01 -19.50 -6.56
N ALA A 443 -14.53 -20.16 -7.59
CA ALA A 443 -15.86 -19.88 -8.10
C ALA A 443 -16.91 -20.19 -7.04
N ALA A 444 -16.66 -21.24 -6.27
CA ALA A 444 -17.59 -21.69 -5.24
C ALA A 444 -17.57 -20.79 -3.99
N TYR A 445 -16.39 -20.36 -3.58
CA TYR A 445 -16.28 -19.46 -2.43
C TYR A 445 -16.83 -18.08 -2.76
N ARG A 446 -16.63 -17.66 -4.01
CA ARG A 446 -17.12 -16.37 -4.46
C ARG A 446 -18.65 -16.37 -4.49
N ILE A 447 -19.24 -17.56 -4.59
CA ILE A 447 -20.68 -17.73 -4.48
C ILE A 447 -21.13 -17.49 -3.05
N GLY A 448 -20.47 -18.18 -2.12
CA GLY A 448 -20.94 -18.26 -0.74
C GLY A 448 -20.75 -17.05 0.15
N ASP A 449 -19.85 -16.14 -0.22
CA ASP A 449 -19.63 -14.98 0.63
C ASP A 449 -20.60 -13.84 0.30
N SER A 450 -21.23 -13.95 -0.87
CA SER A 450 -22.13 -12.90 -1.35
C SER A 450 -23.60 -13.24 -1.08
N VAL A 451 -23.84 -14.39 -0.47
CA VAL A 451 -25.20 -14.85 -0.17
C VAL A 451 -25.68 -14.31 1.17
N THR A 452 -24.98 -14.67 2.23
CA THR A 452 -25.37 -14.31 3.58
C THR A 452 -24.88 -12.92 3.95
N ASN A 453 -24.65 -12.08 2.94
CA ASN A 453 -24.24 -10.70 3.13
C ASN A 453 -25.43 -9.77 3.41
N ILE A 454 -26.62 -10.22 3.02
CA ILE A 454 -27.84 -9.44 3.21
C ILE A 454 -28.35 -9.58 4.64
N ILE A 455 -28.34 -10.81 5.15
CA ILE A 455 -28.45 -11.02 6.58
C ILE A 455 -27.09 -10.61 7.16
N THR A 456 -27.07 -10.16 8.40
CA THR A 456 -25.90 -9.45 8.92
C THR A 456 -24.71 -10.32 9.33
N PRO A 457 -23.55 -10.07 8.72
CA PRO A 457 -22.25 -10.58 9.17
C PRO A 457 -21.63 -9.53 10.07
N MET A 458 -22.47 -8.91 10.90
CA MET A 458 -22.12 -7.70 11.64
C MET A 458 -21.62 -6.65 10.65
N MET A 459 -22.35 -6.50 9.55
CA MET A 459 -21.99 -5.59 8.47
C MET A 459 -21.84 -4.15 8.96
N SER A 460 -20.76 -3.50 8.56
CA SER A 460 -20.45 -2.15 9.01
C SER A 460 -21.21 -1.10 8.21
N TYR A 461 -22.18 -1.55 7.41
CA TYR A 461 -22.89 -0.67 6.49
C TYR A 461 -24.38 -0.50 6.79
N PHE A 462 -24.75 -0.64 8.06
CA PHE A 462 -26.15 -0.48 8.47
C PHE A 462 -26.65 0.95 8.27
N GLY A 463 -25.73 1.91 8.38
CA GLY A 463 -26.07 3.33 8.41
C GLY A 463 -26.79 3.91 7.20
N LEU A 464 -26.18 3.78 6.02
CA LEU A 464 -26.74 4.35 4.81
C LEU A 464 -28.12 3.77 4.49
N ILE A 465 -28.32 2.52 4.87
CA ILE A 465 -29.55 1.82 4.58
C ILE A 465 -30.66 2.15 5.58
N MET A 466 -30.32 2.15 6.87
CA MET A 466 -31.30 2.44 7.91
C MET A 466 -31.59 3.93 8.07
N ALA A 467 -30.87 4.76 7.32
CA ALA A 467 -31.18 6.19 7.26
C ALA A 467 -32.17 6.42 6.13
N THR A 468 -32.37 5.39 5.32
CA THR A 468 -33.27 5.45 4.18
C THR A 468 -34.65 4.87 4.54
N VAL A 469 -34.67 3.91 5.45
CA VAL A 469 -35.95 3.35 5.91
C VAL A 469 -36.74 4.38 6.73
N MET A 470 -36.10 5.00 7.71
CA MET A 470 -36.72 6.04 8.53
C MET A 470 -37.14 7.23 7.67
N LYS A 471 -36.44 7.43 6.56
CA LYS A 471 -36.73 8.51 5.64
C LYS A 471 -37.76 8.05 4.61
N TYR A 472 -38.31 6.85 4.80
CA TYR A 472 -39.34 6.34 3.90
C TYR A 472 -40.47 5.63 4.63
N LYS A 473 -40.08 4.84 5.63
CA LYS A 473 -41.06 4.18 6.49
C LYS A 473 -40.47 4.13 7.89
N LYS A 474 -40.83 5.11 8.72
CA LYS A 474 -40.38 5.11 10.11
C LYS A 474 -40.82 3.82 10.79
N ASP A 475 -39.84 3.06 11.28
CA ASP A 475 -40.14 1.79 11.92
C ASP A 475 -39.98 1.88 13.43
N ALA A 476 -41.00 1.43 14.15
CA ALA A 476 -40.99 1.42 15.60
C ALA A 476 -39.84 0.56 16.10
N GLY A 477 -39.78 -0.69 15.62
CA GLY A 477 -38.68 -1.56 15.94
C GLY A 477 -37.50 -1.31 15.03
N VAL A 478 -36.33 -1.79 15.42
CA VAL A 478 -35.14 -1.66 14.58
C VAL A 478 -34.47 -3.02 14.40
N GLY A 479 -33.99 -3.28 13.18
CA GLY A 479 -33.50 -4.59 12.82
C GLY A 479 -34.64 -5.38 12.23
N THR A 480 -35.65 -4.67 11.72
CA THR A 480 -36.76 -5.30 11.05
C THR A 480 -36.40 -5.50 9.58
N LEU A 481 -35.33 -4.85 9.16
CA LEU A 481 -34.87 -4.94 7.78
C LEU A 481 -34.25 -6.31 7.50
N ILE A 482 -33.46 -6.81 8.45
CA ILE A 482 -32.83 -8.11 8.30
C ILE A 482 -33.86 -9.26 8.29
N SER A 483 -34.85 -9.19 9.18
CA SER A 483 -35.93 -10.17 9.23
C SER A 483 -36.75 -10.06 7.95
N MET A 484 -36.86 -8.84 7.44
CA MET A 484 -37.49 -8.58 6.16
C MET A 484 -36.65 -9.14 5.02
N MET A 485 -35.33 -9.17 5.23
CA MET A 485 -34.41 -9.58 4.18
C MET A 485 -34.19 -11.10 4.12
N LEU A 486 -34.50 -11.79 5.21
CA LEU A 486 -34.34 -13.24 5.29
C LEU A 486 -34.84 -14.03 4.06
N PRO A 487 -36.06 -13.74 3.58
CA PRO A 487 -36.49 -14.50 2.40
C PRO A 487 -35.78 -14.06 1.13
N TYR A 488 -35.08 -12.92 1.17
CA TYR A 488 -34.37 -12.44 -0.01
C TYR A 488 -32.98 -13.09 -0.11
N SER A 489 -32.53 -13.71 0.97
CA SER A 489 -31.25 -14.43 0.95
C SER A 489 -31.49 -15.93 0.88
N ALA A 490 -32.75 -16.33 1.05
CA ALA A 490 -33.14 -17.72 0.92
C ALA A 490 -33.45 -18.03 -0.54
N PHE A 491 -33.91 -17.02 -1.27
CA PHE A 491 -34.24 -17.18 -2.68
C PHE A 491 -33.04 -16.84 -3.57
N PHE A 492 -31.89 -16.63 -2.95
CA PHE A 492 -30.64 -16.43 -3.67
C PHE A 492 -29.69 -17.57 -3.38
N LEU A 493 -29.79 -18.12 -2.18
CA LEU A 493 -28.96 -19.23 -1.75
C LEU A 493 -29.28 -20.46 -2.58
N ILE A 494 -30.56 -20.81 -2.63
CA ILE A 494 -31.03 -21.94 -3.39
C ILE A 494 -30.79 -21.73 -4.89
N ALA A 495 -31.01 -20.49 -5.33
CA ALA A 495 -30.87 -20.14 -6.74
C ALA A 495 -29.46 -20.34 -7.25
N TRP A 496 -28.49 -19.81 -6.50
CA TRP A 496 -27.10 -19.81 -6.94
C TRP A 496 -26.45 -21.19 -6.78
N ILE A 497 -26.87 -21.92 -5.75
CA ILE A 497 -26.36 -23.26 -5.50
C ILE A 497 -26.64 -24.15 -6.71
N ALA A 498 -27.77 -23.90 -7.36
CA ALA A 498 -28.12 -24.59 -8.58
C ALA A 498 -27.19 -24.21 -9.73
N LEU A 499 -27.10 -22.90 -10.00
CA LEU A 499 -26.37 -22.38 -11.15
C LEU A 499 -24.91 -22.81 -11.17
N PHE A 500 -24.34 -23.07 -10.01
CA PHE A 500 -22.99 -23.58 -9.96
C PHE A 500 -22.96 -25.07 -10.29
N CYS A 501 -23.97 -25.80 -9.82
CA CYS A 501 -24.01 -27.25 -10.01
C CYS A 501 -24.27 -27.66 -11.44
N ILE A 502 -24.83 -26.75 -12.23
CA ILE A 502 -24.87 -26.96 -13.67
C ILE A 502 -23.43 -26.93 -14.17
N TRP A 503 -22.68 -25.92 -13.74
CA TRP A 503 -21.29 -25.77 -14.16
C TRP A 503 -20.40 -26.94 -13.74
N VAL A 504 -20.69 -27.56 -12.60
CA VAL A 504 -19.85 -28.64 -12.11
C VAL A 504 -20.22 -30.01 -12.68
N PHE A 505 -21.49 -30.18 -13.04
CA PHE A 505 -21.95 -31.44 -13.62
C PHE A 505 -22.21 -31.31 -15.13
N VAL A 506 -21.76 -30.21 -15.73
CA VAL A 506 -21.84 -30.05 -17.17
C VAL A 506 -20.55 -29.49 -17.78
N LEU A 507 -20.21 -28.24 -17.48
CA LEU A 507 -19.04 -27.60 -18.11
C LEU A 507 -18.20 -26.67 -17.23
N GLY A 508 -16.88 -26.87 -17.29
CA GLY A 508 -15.93 -26.02 -16.61
C GLY A 508 -14.55 -26.26 -17.20
N LEU A 509 -13.88 -25.21 -17.64
CA LEU A 509 -12.61 -25.37 -18.37
C LEU A 509 -11.43 -25.86 -17.53
N PRO A 510 -11.20 -25.27 -16.35
CA PRO A 510 -10.15 -25.85 -15.51
C PRO A 510 -10.70 -26.46 -14.23
N VAL A 511 -11.26 -27.67 -14.31
CA VAL A 511 -11.77 -28.36 -13.13
C VAL A 511 -11.13 -29.73 -12.94
N GLY A 512 -10.44 -29.90 -11.82
CA GLY A 512 -9.71 -31.12 -11.52
C GLY A 512 -8.22 -30.94 -11.75
N PRO A 513 -7.40 -31.54 -10.88
CA PRO A 513 -5.94 -31.49 -11.00
C PRO A 513 -5.41 -32.46 -12.06
N GLY A 514 -6.18 -32.63 -13.13
CA GLY A 514 -5.76 -33.42 -14.26
C GLY A 514 -5.73 -32.57 -15.52
N ALA A 515 -6.32 -33.09 -16.59
CA ALA A 515 -6.38 -32.35 -17.85
C ALA A 515 -7.80 -32.29 -18.39
N PRO A 516 -8.65 -31.41 -17.82
CA PRO A 516 -10.04 -31.26 -18.24
C PRO A 516 -10.17 -30.33 -19.46
N ARG B 11 12.86 40.29 -4.60
CA ARG B 11 12.30 39.34 -5.55
C ARG B 11 13.13 38.05 -5.58
N PHE B 12 13.58 37.61 -4.42
CA PHE B 12 14.26 36.33 -4.29
C PHE B 12 13.24 35.28 -3.85
N LEU B 13 12.20 35.76 -3.15
CA LEU B 13 11.06 34.94 -2.77
C LEU B 13 10.32 34.48 -4.01
N ARG B 14 10.01 35.44 -4.88
CA ARG B 14 9.31 35.17 -6.14
C ARG B 14 10.04 34.11 -6.99
N THR B 15 11.37 34.17 -7.00
CA THR B 15 12.13 33.18 -7.76
C THR B 15 12.02 31.81 -7.12
N VAL B 16 11.99 31.76 -5.79
CA VAL B 16 11.88 30.50 -5.08
C VAL B 16 10.48 29.90 -5.25
N GLU B 17 9.48 30.76 -5.41
CA GLU B 17 8.11 30.32 -5.61
C GLU B 17 7.90 29.84 -7.05
N TRP B 18 8.61 30.46 -7.99
CA TRP B 18 8.56 30.02 -9.38
C TRP B 18 9.24 28.67 -9.53
N LEU B 19 10.23 28.42 -8.67
CA LEU B 19 10.99 27.17 -8.68
C LEU B 19 10.07 25.95 -8.47
N GLY B 20 9.28 25.99 -7.41
CA GLY B 20 8.39 24.89 -7.09
C GLY B 20 7.17 24.78 -7.98
N ASN B 21 6.71 25.93 -8.49
CA ASN B 21 5.48 25.94 -9.28
C ASN B 21 5.70 25.90 -10.80
N MET B 22 6.91 25.53 -11.20
CA MET B 22 7.22 25.46 -12.63
C MET B 22 6.81 24.12 -13.24
N LEU B 23 7.54 23.07 -12.87
CA LEU B 23 7.40 21.77 -13.52
C LEU B 23 6.31 20.91 -12.90
N PRO B 24 5.70 20.03 -13.70
CA PRO B 24 4.60 19.13 -13.30
C PRO B 24 4.97 18.14 -12.19
N HIS B 25 3.97 17.36 -11.77
CA HIS B 25 4.09 16.39 -10.69
C HIS B 25 5.24 15.40 -10.93
N PRO B 26 5.88 14.91 -9.85
CA PRO B 26 6.93 13.90 -9.97
C PRO B 26 6.44 12.58 -10.57
N VAL B 27 5.14 12.28 -10.46
CA VAL B 27 4.58 11.14 -11.19
C VAL B 27 4.54 11.48 -12.66
N THR B 28 4.02 12.68 -12.96
CA THR B 28 3.94 13.15 -14.33
C THR B 28 5.34 13.21 -14.93
N LEU B 29 6.33 13.51 -14.09
CA LEU B 29 7.73 13.44 -14.47
C LEU B 29 8.05 12.03 -14.97
N PHE B 30 7.83 11.05 -14.11
CA PHE B 30 8.07 9.65 -14.46
C PHE B 30 7.32 9.23 -15.71
N ILE B 31 6.09 9.72 -15.86
CA ILE B 31 5.33 9.46 -17.07
C ILE B 31 6.05 9.99 -18.29
N ILE B 32 6.35 11.30 -18.31
CA ILE B 32 7.07 11.89 -19.44
C ILE B 32 8.45 11.29 -19.58
N PHE B 33 9.02 10.83 -18.47
CA PHE B 33 10.33 10.20 -18.46
C PHE B 33 10.29 8.90 -19.25
N ILE B 34 9.42 7.98 -18.83
CA ILE B 34 9.29 6.70 -19.51
C ILE B 34 8.57 6.84 -20.85
N VAL B 35 8.01 8.02 -21.10
CA VAL B 35 7.41 8.30 -22.39
C VAL B 35 8.49 8.73 -23.38
N LEU B 36 9.33 9.67 -22.96
CA LEU B 36 10.39 10.17 -23.81
C LEU B 36 11.50 9.14 -23.96
N LEU B 37 11.72 8.35 -22.92
CA LEU B 37 12.76 7.32 -22.93
C LEU B 37 12.41 6.26 -23.97
N LEU B 38 11.12 6.01 -24.14
CA LEU B 38 10.64 5.11 -25.19
C LEU B 38 11.06 5.60 -26.56
N ILE B 39 10.79 6.88 -26.83
CA ILE B 39 11.17 7.47 -28.11
C ILE B 39 12.65 7.85 -28.12
N ALA B 40 13.28 7.81 -26.94
CA ALA B 40 14.72 8.02 -26.85
C ALA B 40 15.43 6.78 -27.32
N SER B 41 14.98 5.64 -26.78
CA SER B 41 15.49 4.34 -27.22
C SER B 41 15.16 4.14 -28.69
N ALA B 42 13.97 4.55 -29.08
CA ALA B 42 13.49 4.40 -30.46
C ALA B 42 14.33 5.18 -31.45
N VAL B 43 14.63 6.43 -31.13
CA VAL B 43 15.42 7.28 -32.02
C VAL B 43 16.89 6.91 -31.98
N GLY B 44 17.44 6.83 -30.77
CA GLY B 44 18.86 6.59 -30.58
C GLY B 44 19.36 5.26 -31.14
N ALA B 45 18.51 4.25 -31.14
CA ALA B 45 18.93 2.92 -31.60
C ALA B 45 18.33 2.55 -32.95
N TYR B 46 17.79 3.55 -33.65
CA TYR B 46 17.20 3.29 -34.97
C TYR B 46 18.26 3.29 -36.06
N PHE B 47 19.13 4.28 -36.04
CA PHE B 47 20.16 4.40 -37.08
C PHE B 47 21.50 3.77 -36.67
N GLY B 48 22.00 4.13 -35.50
CA GLY B 48 23.25 3.55 -35.02
C GLY B 48 23.84 4.36 -33.88
N LEU B 49 24.22 3.66 -32.81
CA LEU B 49 24.78 4.33 -31.63
C LEU B 49 25.50 3.31 -30.74
N SER B 50 26.56 3.76 -30.09
CA SER B 50 27.32 2.90 -29.20
C SER B 50 28.23 3.70 -28.27
N VAL B 51 28.48 3.16 -27.08
CA VAL B 51 29.48 3.73 -26.18
C VAL B 51 30.59 2.70 -25.91
N PRO B 52 31.81 3.03 -26.36
CA PRO B 52 32.99 2.15 -26.44
C PRO B 52 33.39 1.39 -25.16
N ASP B 53 33.50 2.05 -24.01
CA ASP B 53 34.12 1.42 -22.84
C ASP B 53 33.43 1.65 -21.49
N PRO B 54 33.31 0.58 -20.68
CA PRO B 54 33.07 0.60 -19.24
C PRO B 54 34.36 0.26 -18.50
N ARG B 55 34.31 0.04 -17.20
CA ARG B 55 35.48 -0.43 -16.47
C ARG B 55 35.21 -1.61 -15.54
N PRO B 56 34.81 -2.77 -16.11
CA PRO B 56 34.55 -3.96 -15.30
C PRO B 56 35.77 -4.88 -15.30
N VAL B 57 36.86 -4.41 -14.72
CA VAL B 57 38.10 -5.18 -14.67
C VAL B 57 37.99 -6.34 -13.68
N GLY B 58 38.22 -7.55 -14.16
CA GLY B 58 38.18 -8.73 -13.32
C GLY B 58 38.24 -10.04 -14.09
N ALA B 59 38.47 -11.13 -13.38
CA ALA B 59 38.52 -12.45 -14.02
C ALA B 59 37.13 -12.98 -14.30
N LYS B 60 36.61 -12.63 -15.49
CA LYS B 60 35.28 -13.01 -15.93
C LYS B 60 34.19 -12.42 -15.04
N GLY B 61 33.04 -13.09 -14.99
CA GLY B 61 31.87 -12.55 -14.31
C GLY B 61 31.43 -11.27 -15.00
N ARG B 62 31.87 -10.14 -14.47
CA ARG B 62 31.70 -8.86 -15.16
C ARG B 62 32.63 -8.89 -16.37
N ALA B 63 32.05 -8.95 -17.56
CA ALA B 63 32.80 -9.20 -18.78
C ALA B 63 33.86 -8.15 -19.12
N ASP B 64 34.69 -8.47 -20.11
CA ASP B 64 35.73 -7.56 -20.58
C ASP B 64 35.17 -6.63 -21.65
N ASP B 65 34.18 -7.13 -22.39
CA ASP B 65 33.60 -6.42 -23.52
C ASP B 65 33.25 -4.97 -23.24
N GLY B 66 33.57 -4.10 -24.20
CA GLY B 66 33.39 -2.68 -24.03
C GLY B 66 32.05 -2.15 -24.51
N LEU B 67 31.63 -2.60 -25.68
CA LEU B 67 30.46 -2.04 -26.34
C LEU B 67 29.13 -2.46 -25.71
N ILE B 68 28.42 -1.48 -25.15
CA ILE B 68 27.09 -1.68 -24.61
C ILE B 68 26.14 -0.66 -25.22
N HIS B 69 25.22 -1.13 -26.05
CA HIS B 69 24.43 -0.24 -26.90
C HIS B 69 23.03 0.07 -26.39
N VAL B 70 22.48 1.18 -26.85
CA VAL B 70 21.10 1.54 -26.53
C VAL B 70 20.15 0.60 -27.27
N VAL B 71 19.06 0.24 -26.62
CA VAL B 71 18.12 -0.72 -27.17
C VAL B 71 16.72 -0.10 -27.37
N SER B 72 16.20 -0.23 -28.59
CA SER B 72 14.97 0.45 -28.99
C SER B 72 13.71 -0.10 -28.32
N LEU B 73 12.55 0.34 -28.82
CA LEU B 73 11.26 -0.14 -28.32
C LEU B 73 10.62 -1.16 -29.27
N LEU B 74 11.46 -1.93 -29.97
CA LEU B 74 11.02 -2.90 -30.97
C LEU B 74 9.84 -3.72 -30.47
N ASP B 75 8.66 -3.44 -31.02
CA ASP B 75 7.38 -3.93 -30.53
C ASP B 75 7.34 -5.38 -30.06
N ALA B 76 8.05 -6.24 -30.78
CA ALA B 76 8.06 -7.67 -30.50
C ALA B 76 8.44 -7.99 -29.05
N ASP B 77 9.65 -7.62 -28.67
CA ASP B 77 10.13 -7.89 -27.31
C ASP B 77 9.78 -6.78 -26.34
N GLY B 78 9.59 -5.57 -26.86
CA GLY B 78 9.30 -4.41 -26.04
C GLY B 78 7.96 -4.49 -25.33
N LEU B 79 6.89 -4.67 -26.12
CA LEU B 79 5.55 -4.76 -25.56
C LEU B 79 5.40 -5.91 -24.59
N ILE B 80 6.03 -7.03 -24.91
CA ILE B 80 6.01 -8.20 -24.05
C ILE B 80 6.72 -7.92 -22.73
N LYS B 81 7.83 -7.17 -22.80
CA LYS B 81 8.62 -6.89 -21.61
C LYS B 81 7.90 -5.94 -20.66
N ILE B 82 7.28 -4.90 -21.22
CA ILE B 82 6.57 -3.91 -20.41
C ILE B 82 5.34 -4.53 -19.76
N LEU B 83 4.65 -5.39 -20.49
CA LEU B 83 3.40 -5.99 -19.99
C LEU B 83 3.65 -7.11 -18.98
N THR B 84 4.62 -7.97 -19.25
CA THR B 84 4.95 -9.06 -18.33
C THR B 84 5.59 -8.51 -17.06
N HIS B 85 6.47 -7.53 -17.23
CA HIS B 85 7.14 -6.92 -16.10
C HIS B 85 6.53 -5.57 -15.76
N THR B 86 5.43 -5.59 -15.00
CA THR B 86 4.82 -4.37 -14.50
C THR B 86 4.51 -4.59 -13.04
N VAL B 87 3.75 -5.65 -12.76
CA VAL B 87 3.53 -6.11 -11.39
C VAL B 87 4.85 -6.69 -10.89
N LYS B 88 5.63 -7.23 -11.82
CA LYS B 88 6.93 -7.82 -11.48
C LYS B 88 7.93 -6.75 -11.08
N ASN B 89 7.98 -5.65 -11.85
CA ASN B 89 8.86 -4.53 -11.54
C ASN B 89 8.49 -3.90 -10.20
N PHE B 90 7.20 -3.61 -10.05
CA PHE B 90 6.64 -3.03 -8.84
C PHE B 90 6.95 -3.89 -7.62
N THR B 91 6.53 -5.16 -7.66
CA THR B 91 6.72 -6.08 -6.54
C THR B 91 8.19 -6.15 -6.11
N GLY B 92 9.06 -6.44 -7.06
CA GLY B 92 10.47 -6.59 -6.76
C GLY B 92 11.18 -5.28 -6.56
N PHE B 93 10.46 -4.17 -6.69
CA PHE B 93 11.06 -2.86 -6.50
C PHE B 93 11.55 -2.74 -5.07
N ALA B 94 12.84 -2.51 -4.92
CA ALA B 94 13.54 -2.55 -3.64
C ALA B 94 12.87 -1.82 -2.45
N PRO B 95 12.39 -0.58 -2.66
CA PRO B 95 11.84 0.10 -1.48
C PRO B 95 10.55 -0.52 -0.97
N LEU B 96 9.71 -0.97 -1.91
CA LEU B 96 8.31 -1.33 -1.67
C LEU B 96 7.97 -2.12 -0.40
N GLY B 97 8.43 -3.36 -0.32
CA GLY B 97 8.11 -4.20 0.82
C GLY B 97 8.82 -3.75 2.09
N THR B 98 9.98 -3.13 1.93
CA THR B 98 10.84 -2.77 3.06
C THR B 98 10.28 -1.59 3.88
N VAL B 99 9.71 -0.62 3.19
CA VAL B 99 9.10 0.55 3.81
C VAL B 99 7.86 0.18 4.61
N LEU B 100 6.97 -0.58 3.97
CA LEU B 100 5.72 -1.03 4.57
C LEU B 100 5.95 -1.84 5.82
N VAL B 101 6.84 -2.82 5.75
CA VAL B 101 7.19 -3.65 6.90
C VAL B 101 7.69 -2.80 8.07
N SER B 102 8.52 -1.80 7.75
CA SER B 102 9.05 -0.91 8.78
C SER B 102 7.98 0.03 9.35
N LEU B 103 7.12 0.54 8.47
CA LEU B 103 6.09 1.50 8.87
C LEU B 103 5.06 0.83 9.76
N LEU B 104 4.85 -0.46 9.50
CA LEU B 104 3.94 -1.30 10.28
C LEU B 104 4.23 -1.20 11.77
N GLY B 105 5.51 -1.08 12.11
CA GLY B 105 5.93 -0.97 13.50
C GLY B 105 5.95 0.47 13.99
N VAL B 106 6.23 1.40 13.08
CA VAL B 106 6.29 2.82 13.42
C VAL B 106 4.94 3.36 13.88
N GLY B 107 3.88 2.93 13.20
CA GLY B 107 2.54 3.38 13.51
C GLY B 107 2.15 3.17 14.96
N ILE B 108 2.46 2.00 15.49
CA ILE B 108 2.14 1.67 16.87
C ILE B 108 2.88 2.57 17.87
N ALA B 109 4.20 2.69 17.69
CA ALA B 109 5.02 3.48 18.59
C ALA B 109 4.53 4.93 18.66
N GLU B 110 4.15 5.47 17.51
CA GLU B 110 3.71 6.85 17.42
C GLU B 110 2.37 7.11 18.09
N LYS B 111 1.38 6.29 17.76
CA LYS B 111 0.01 6.54 18.20
C LYS B 111 -0.31 5.92 19.56
N SER B 112 0.64 5.19 20.13
CA SER B 112 0.50 4.70 21.49
C SER B 112 0.81 5.81 22.47
N GLY B 113 1.33 6.92 21.95
CA GLY B 113 1.72 8.04 22.78
C GLY B 113 3.04 7.77 23.46
N LEU B 114 3.79 6.80 22.93
CA LEU B 114 5.11 6.49 23.46
C LEU B 114 6.14 7.51 22.97
N ILE B 115 6.18 7.72 21.66
CA ILE B 115 7.05 8.73 21.08
C ILE B 115 6.55 10.13 21.47
N SER B 116 5.24 10.27 21.59
CA SER B 116 4.62 11.51 22.03
C SER B 116 5.15 11.97 23.38
N ALA B 117 5.00 11.12 24.39
CA ALA B 117 5.42 11.45 25.74
C ALA B 117 6.93 11.40 25.95
N LEU B 118 7.63 10.75 25.02
CA LEU B 118 9.09 10.67 25.09
C LEU B 118 9.73 12.02 24.78
N MET B 119 9.16 12.71 23.80
CA MET B 119 9.59 14.07 23.46
C MET B 119 8.87 15.09 24.33
N ARG B 120 7.84 14.65 25.03
CA ARG B 120 7.06 15.52 25.90
C ARG B 120 7.69 15.66 27.29
N LEU B 121 8.56 14.72 27.64
CA LEU B 121 9.15 14.70 28.97
C LEU B 121 10.55 15.32 29.03
N LEU B 122 11.24 15.35 27.90
CA LEU B 122 12.61 15.86 27.87
C LEU B 122 12.72 17.37 28.12
N LEU B 123 11.78 18.14 27.59
CA LEU B 123 11.77 19.59 27.79
C LEU B 123 11.38 19.93 29.22
N THR B 124 10.81 18.95 29.91
CA THR B 124 10.46 19.09 31.32
C THR B 124 11.65 18.71 32.19
N LYS B 125 12.39 17.70 31.76
CA LYS B 125 13.51 17.18 32.53
C LYS B 125 14.80 17.97 32.29
N SER B 126 14.98 18.48 31.07
CA SER B 126 16.20 19.20 30.73
C SER B 126 16.26 20.59 31.36
N PRO B 127 17.46 20.98 31.82
CA PRO B 127 17.73 22.29 32.42
C PRO B 127 17.48 23.45 31.44
N ARG B 128 17.45 24.66 31.96
CA ARG B 128 17.20 25.86 31.18
C ARG B 128 18.25 26.09 30.09
N LYS B 129 19.51 26.14 30.50
CA LYS B 129 20.64 26.33 29.58
C LYS B 129 20.71 25.20 28.57
N LEU B 130 20.21 24.04 28.95
CA LEU B 130 20.21 22.88 28.07
C LEU B 130 19.04 22.96 27.10
N THR B 131 17.85 23.26 27.63
CA THR B 131 16.63 23.34 26.80
C THR B 131 16.76 24.36 25.66
N THR B 132 17.62 25.35 25.84
CA THR B 132 17.87 26.34 24.80
C THR B 132 18.47 25.65 23.58
N PHE B 133 19.26 24.61 23.81
CA PHE B 133 19.84 23.82 22.73
C PHE B 133 19.07 22.50 22.54
N MET B 134 18.42 22.03 23.61
CA MET B 134 17.65 20.80 23.57
C MET B 134 16.41 20.94 22.70
N VAL B 135 15.82 22.13 22.68
CA VAL B 135 14.66 22.39 21.83
C VAL B 135 14.98 22.11 20.37
N VAL B 136 16.16 22.56 19.94
CA VAL B 136 16.59 22.31 18.57
C VAL B 136 16.99 20.85 18.42
N PHE B 137 17.75 20.35 19.39
CA PHE B 137 18.22 18.97 19.36
C PHE B 137 17.06 17.97 19.29
N THR B 138 16.00 18.25 20.04
CA THR B 138 14.80 17.43 20.03
C THR B 138 14.07 17.59 18.71
N GLY B 139 14.07 18.81 18.17
CA GLY B 139 13.48 19.09 16.88
C GLY B 139 14.06 18.19 15.79
N ILE B 140 15.34 17.88 15.91
CA ILE B 140 16.02 17.00 14.95
C ILE B 140 15.49 15.56 15.01
N LEU B 141 15.29 15.06 16.23
CA LEU B 141 14.92 13.67 16.45
C LEU B 141 13.43 13.38 16.26
N SER B 142 12.64 14.41 15.96
CA SER B 142 11.20 14.24 15.79
C SER B 142 10.82 13.96 14.33
N ASN B 143 11.78 13.50 13.54
CA ASN B 143 11.55 13.24 12.12
C ASN B 143 11.06 11.81 11.85
N THR B 144 11.13 10.97 12.88
CA THR B 144 10.70 9.58 12.74
C THR B 144 9.18 9.50 12.85
N ALA B 145 8.57 10.48 13.52
CA ALA B 145 7.13 10.52 13.71
C ALA B 145 6.42 11.30 12.59
N SER B 146 7.17 12.11 11.86
CA SER B 146 6.67 12.83 10.68
C SER B 146 5.52 13.82 10.92
N GLU B 147 5.13 14.00 12.18
CA GLU B 147 4.05 14.94 12.48
C GLU B 147 4.19 15.57 13.85
N LEU B 148 4.68 14.77 14.81
CA LEU B 148 4.84 15.20 16.19
C LEU B 148 5.62 16.50 16.26
N GLY B 149 6.63 16.61 15.42
CA GLY B 149 7.53 17.75 15.44
C GLY B 149 6.87 19.07 15.11
N TYR B 150 5.79 19.02 14.34
CA TYR B 150 5.07 20.22 13.95
C TYR B 150 3.97 20.59 14.94
N VAL B 151 3.03 19.68 15.17
CA VAL B 151 1.83 19.98 15.94
C VAL B 151 2.04 20.18 17.44
N VAL B 152 2.78 19.29 18.07
CA VAL B 152 2.92 19.33 19.53
C VAL B 152 4.34 19.67 19.97
N LEU B 153 5.17 20.11 19.04
CA LEU B 153 6.53 20.51 19.36
C LEU B 153 6.80 21.96 18.98
N ILE B 154 6.32 22.37 17.80
CA ILE B 154 6.52 23.74 17.36
C ILE B 154 5.79 24.77 18.23
N PRO B 155 4.46 24.63 18.42
CA PRO B 155 3.81 25.61 19.31
C PRO B 155 4.11 25.31 20.76
N LEU B 156 4.75 24.17 21.03
CA LEU B 156 5.17 23.84 22.39
C LEU B 156 6.55 24.42 22.67
N SER B 157 7.41 24.40 21.65
CA SER B 157 8.72 25.03 21.77
C SER B 157 8.57 26.52 21.97
N ALA B 158 7.58 27.11 21.31
CA ALA B 158 7.30 28.54 21.41
C ALA B 158 6.69 28.89 22.77
N VAL B 159 5.92 27.97 23.33
CA VAL B 159 5.31 28.18 24.64
C VAL B 159 6.32 27.91 25.76
N ILE B 160 7.23 26.96 25.54
CA ILE B 160 8.26 26.65 26.53
C ILE B 160 9.28 27.78 26.69
N PHE B 161 9.30 28.70 25.72
CA PHE B 161 10.21 29.84 25.76
C PHE B 161 9.62 31.09 26.44
N HIS B 162 8.35 31.01 26.85
CA HIS B 162 7.75 32.08 27.63
C HIS B 162 7.89 31.79 29.11
N SER B 163 7.85 30.50 29.44
CA SER B 163 7.94 30.07 30.84
C SER B 163 9.37 29.68 31.22
N LEU B 164 9.97 28.79 30.44
CA LEU B 164 11.32 28.29 30.75
C LEU B 164 12.41 28.89 29.86
N GLY B 165 12.03 29.84 29.00
CA GLY B 165 12.96 30.39 28.04
C GLY B 165 12.95 31.90 27.90
N ARG B 166 13.39 32.39 26.74
CA ARG B 166 13.56 33.82 26.51
C ARG B 166 12.44 34.45 25.67
N HIS B 167 12.28 34.00 24.45
CA HIS B 167 11.32 34.60 23.52
C HIS B 167 10.68 33.57 22.58
N PRO B 168 9.34 33.61 22.45
CA PRO B 168 8.57 32.63 21.68
C PRO B 168 8.78 32.68 20.16
N LEU B 169 8.81 33.86 19.56
CA LEU B 169 8.91 33.96 18.10
C LEU B 169 10.28 33.50 17.59
N ALA B 170 11.20 33.26 18.52
CA ALA B 170 12.48 32.67 18.20
C ALA B 170 12.56 31.26 18.76
N GLY B 171 11.47 30.81 19.38
CA GLY B 171 11.35 29.44 19.86
C GLY B 171 10.54 28.58 18.91
N LEU B 172 9.57 29.21 18.25
CA LEU B 172 8.87 28.60 17.14
C LEU B 172 9.91 28.27 16.08
N ALA B 173 10.88 29.16 15.94
CA ALA B 173 11.96 29.02 14.96
C ALA B 173 13.07 28.11 15.47
N ALA B 174 13.19 28.00 16.79
CA ALA B 174 14.23 27.17 17.39
C ALA B 174 14.03 25.70 17.07
N ALA B 175 12.77 25.25 17.08
CA ALA B 175 12.45 23.86 16.80
C ALA B 175 12.07 23.63 15.34
N PHE B 176 11.77 24.72 14.62
CA PHE B 176 11.45 24.63 13.20
C PHE B 176 12.71 24.45 12.38
N ALA B 177 13.83 24.92 12.91
CA ALA B 177 15.14 24.73 12.29
C ALA B 177 15.59 23.30 12.56
N GLY B 178 15.18 22.77 13.70
CA GLY B 178 15.50 21.41 14.08
C GLY B 178 14.67 20.38 13.33
N VAL B 179 13.36 20.62 13.24
CA VAL B 179 12.47 19.68 12.57
C VAL B 179 12.65 19.69 11.06
N SER B 180 12.36 20.82 10.43
CA SER B 180 12.47 20.96 8.99
C SER B 180 13.91 20.84 8.48
N GLY B 181 14.84 21.52 9.14
CA GLY B 181 16.24 21.50 8.74
C GLY B 181 16.97 20.22 9.09
N GLY B 182 16.85 19.80 10.35
CA GLY B 182 17.45 18.57 10.82
C GLY B 182 16.53 17.38 10.57
N TYR B 183 16.04 17.31 9.35
CA TYR B 183 15.11 16.25 8.94
C TYR B 183 15.79 14.88 8.94
N SER B 184 16.62 14.61 7.94
CA SER B 184 17.19 13.27 7.76
C SER B 184 18.12 12.84 8.88
N ALA B 185 18.70 13.80 9.59
CA ALA B 185 19.60 13.49 10.70
C ALA B 185 18.82 12.92 11.88
N ASN B 186 19.10 11.66 12.23
CA ASN B 186 18.51 11.04 13.41
C ASN B 186 19.29 9.81 13.88
N LEU B 187 19.18 9.51 15.17
CA LEU B 187 19.91 8.41 15.76
C LEU B 187 19.46 7.06 15.19
N PHE B 188 18.43 6.48 15.80
CA PHE B 188 17.89 5.20 15.39
C PHE B 188 17.33 5.25 13.97
N LEU B 189 17.46 4.16 13.22
CA LEU B 189 16.97 4.09 11.86
C LEU B 189 15.49 4.48 11.82
N GLY B 190 15.17 5.46 10.99
CA GLY B 190 13.80 5.92 10.87
C GLY B 190 13.00 5.08 9.90
N THR B 191 12.01 5.71 9.27
CA THR B 191 11.24 5.05 8.23
C THR B 191 11.77 5.55 6.88
N ILE B 192 12.78 6.41 6.94
CA ILE B 192 13.45 6.94 5.76
C ILE B 192 14.70 6.15 5.43
N ASP B 193 15.33 5.58 6.45
CA ASP B 193 16.54 4.80 6.23
C ASP B 193 16.33 3.59 5.32
N PRO B 194 15.33 2.73 5.64
CA PRO B 194 15.11 1.63 4.69
C PRO B 194 14.31 2.06 3.47
N LEU B 195 13.77 3.27 3.50
CA LEU B 195 13.02 3.82 2.38
C LEU B 195 13.97 4.36 1.32
N LEU B 196 14.92 5.17 1.76
CA LEU B 196 15.88 5.77 0.84
C LEU B 196 16.94 4.76 0.41
N ALA B 197 17.30 3.85 1.31
CA ALA B 197 18.23 2.79 0.96
C ALA B 197 17.64 1.95 -0.15
N GLY B 198 16.32 1.85 -0.18
CA GLY B 198 15.64 1.09 -1.21
C GLY B 198 15.81 1.70 -2.59
N ILE B 199 15.44 2.98 -2.72
CA ILE B 199 15.48 3.65 -4.01
C ILE B 199 16.92 3.78 -4.50
N THR B 200 17.84 4.09 -3.59
CA THR B 200 19.27 4.12 -3.89
C THR B 200 19.77 2.75 -4.38
N GLN B 201 19.25 1.70 -3.77
CA GLN B 201 19.59 0.34 -4.18
C GLN B 201 19.12 0.04 -5.60
N GLN B 202 17.81 0.13 -5.83
CA GLN B 202 17.23 -0.22 -7.13
C GLN B 202 17.67 0.72 -8.24
N ALA B 203 18.29 1.84 -7.89
CA ALA B 203 18.84 2.76 -8.88
C ALA B 203 20.32 2.52 -9.13
N ALA B 204 20.96 1.77 -8.24
CA ALA B 204 22.39 1.47 -8.36
C ALA B 204 22.65 0.10 -9.00
N GLN B 205 21.57 -0.57 -9.41
CA GLN B 205 21.69 -1.87 -10.05
C GLN B 205 21.65 -1.75 -11.56
N ILE B 206 22.03 -0.57 -12.06
CA ILE B 206 22.05 -0.33 -13.50
C ILE B 206 23.45 -0.61 -14.07
N ILE B 207 24.43 -0.72 -13.17
CA ILE B 207 25.81 -0.98 -13.58
C ILE B 207 26.42 -2.17 -12.87
N HIS B 208 26.18 -2.25 -11.56
CA HIS B 208 26.60 -3.38 -10.75
C HIS B 208 25.34 -3.98 -10.14
N PRO B 209 24.59 -4.76 -10.94
CA PRO B 209 23.23 -5.20 -10.61
C PRO B 209 23.19 -6.26 -9.51
N ASP B 210 23.87 -6.02 -8.40
CA ASP B 210 23.86 -6.95 -7.27
C ASP B 210 24.08 -6.21 -5.95
N TYR B 211 24.15 -4.88 -6.03
CA TYR B 211 24.45 -4.07 -4.86
C TYR B 211 23.21 -3.90 -3.98
N VAL B 212 23.41 -3.92 -2.67
CA VAL B 212 22.32 -3.74 -1.72
C VAL B 212 22.63 -2.65 -0.70
N VAL B 213 21.87 -1.55 -0.76
CA VAL B 213 22.01 -0.48 0.22
C VAL B 213 21.22 -0.84 1.47
N GLY B 214 21.93 -1.23 2.52
CA GLY B 214 21.29 -1.67 3.75
C GLY B 214 20.47 -0.59 4.42
N PRO B 215 19.53 -1.00 5.27
CA PRO B 215 18.76 -0.05 6.08
C PRO B 215 19.66 0.66 7.09
N GLU B 216 20.79 0.05 7.40
CA GLU B 216 21.75 0.65 8.33
C GLU B 216 22.52 1.80 7.68
N ALA B 217 22.55 1.78 6.34
CA ALA B 217 23.22 2.76 5.46
C ALA B 217 24.11 3.78 6.15
N ASN B 218 23.53 4.93 6.46
CA ASN B 218 24.24 5.97 7.17
C ASN B 218 23.67 6.10 8.57
N TRP B 219 24.03 5.17 9.45
CA TRP B 219 23.70 5.31 10.85
C TRP B 219 24.83 6.10 11.50
N PHE B 220 26.07 5.71 11.22
CA PHE B 220 27.24 6.39 11.74
C PHE B 220 27.20 7.89 11.43
N PHE B 221 26.99 8.22 10.15
CA PHE B 221 26.96 9.60 9.70
C PHE B 221 25.81 10.36 10.36
N MET B 222 24.58 9.86 10.19
CA MET B 222 23.40 10.58 10.65
C MET B 222 23.31 10.70 12.18
N ALA B 223 23.96 9.77 12.90
CA ALA B 223 23.98 9.85 14.35
C ALA B 223 24.97 10.92 14.81
N ALA B 224 26.13 10.95 14.16
CA ALA B 224 27.15 11.94 14.47
C ALA B 224 26.72 13.31 13.98
N SER B 225 25.77 13.35 13.05
CA SER B 225 25.32 14.61 12.47
C SER B 225 24.17 15.23 13.26
N THR B 226 23.69 14.53 14.28
CA THR B 226 22.65 15.08 15.15
C THR B 226 23.23 16.14 16.09
N PHE B 227 24.37 15.82 16.70
CA PHE B 227 25.02 16.73 17.64
C PHE B 227 25.55 17.98 16.94
N VAL B 228 26.20 17.78 15.80
CA VAL B 228 26.83 18.86 15.05
C VAL B 228 25.87 19.98 14.68
N ILE B 229 24.67 19.60 14.23
CA ILE B 229 23.66 20.57 13.85
C ILE B 229 22.86 21.05 15.06
N ALA B 230 22.86 20.26 16.13
CA ALA B 230 22.29 20.68 17.40
C ALA B 230 23.17 21.75 18.06
N LEU B 231 24.45 21.76 17.70
CA LEU B 231 25.40 22.72 18.24
C LEU B 231 25.33 24.05 17.50
N ILE B 232 24.88 24.01 16.26
CA ILE B 232 24.56 25.23 15.52
C ILE B 232 23.12 25.61 15.92
N GLY B 233 22.61 24.95 16.95
CA GLY B 233 21.35 25.32 17.54
C GLY B 233 21.64 26.06 18.83
N TYR B 234 22.93 26.20 19.11
CA TYR B 234 23.39 26.98 20.25
C TYR B 234 23.60 28.43 19.80
N PHE B 235 23.72 28.60 18.49
CA PHE B 235 23.86 29.94 17.91
C PHE B 235 22.50 30.61 17.79
N VAL B 236 21.46 29.88 18.18
CA VAL B 236 20.10 30.42 18.21
C VAL B 236 19.98 31.48 19.30
N THR B 237 20.95 31.47 20.22
CA THR B 237 21.03 32.48 21.26
C THR B 237 21.68 33.74 20.66
N GLU B 238 22.43 33.53 19.59
CA GLU B 238 23.07 34.61 18.86
C GLU B 238 22.18 35.06 17.70
N LYS B 239 21.25 34.20 17.32
CA LYS B 239 20.39 34.47 16.17
C LYS B 239 18.97 34.85 16.57
N ILE B 240 18.74 35.01 17.87
CA ILE B 240 17.45 35.53 18.34
C ILE B 240 17.50 37.04 18.40
N VAL B 241 18.62 37.57 18.86
CA VAL B 241 18.76 39.00 19.06
C VAL B 241 19.16 39.69 17.76
N GLU B 242 19.94 39.01 16.93
CA GLU B 242 20.48 39.60 15.69
C GLU B 242 19.44 40.16 14.71
N PRO B 243 18.36 39.40 14.42
CA PRO B 243 17.32 40.04 13.62
C PRO B 243 16.56 41.10 14.41
N GLN B 244 15.91 40.69 15.51
CA GLN B 244 15.10 41.59 16.31
C GLN B 244 14.55 40.88 17.55
N LEU B 245 13.98 41.66 18.46
CA LEU B 245 13.24 41.13 19.60
C LEU B 245 11.95 41.95 19.71
N GLY B 246 11.16 41.72 20.74
CA GLY B 246 9.88 42.42 20.83
C GLY B 246 9.02 42.16 22.05
N PRO B 247 7.81 41.62 21.82
CA PRO B 247 6.73 41.50 22.82
C PRO B 247 7.07 40.58 23.99
N TYR B 248 6.39 40.80 25.11
CA TYR B 248 6.71 40.11 26.36
C TYR B 248 5.47 39.48 27.01
N GLN B 249 5.24 38.20 26.71
CA GLN B 249 4.15 37.44 27.29
C GLN B 249 2.79 38.11 27.10
N SER B 250 1.93 37.95 28.10
CA SER B 250 0.66 38.67 28.19
C SER B 250 -0.24 38.57 26.97
N ASP B 251 -0.29 39.65 26.19
CA ASP B 251 -1.26 39.80 25.10
C ASP B 251 -1.05 38.87 23.90
N LEU B 252 -0.14 37.92 24.01
CA LEU B 252 0.17 37.03 22.89
C LEU B 252 -0.53 35.68 23.00
N SER B 253 -1.84 35.67 22.73
CA SER B 253 -2.66 34.45 22.73
C SER B 253 -2.51 33.66 24.02
N GLN B 254 -2.83 34.29 25.14
CA GLN B 254 -2.53 33.74 26.46
C GLN B 254 -3.30 32.48 26.84
N GLU B 255 -4.54 32.40 26.38
CA GLU B 255 -5.39 31.25 26.67
C GLU B 255 -4.76 29.97 26.12
N GLU B 256 -4.40 29.99 24.85
CA GLU B 256 -3.78 28.83 24.22
C GLU B 256 -2.32 28.67 24.61
N LYS B 257 -1.75 29.68 25.27
CA LYS B 257 -0.38 29.61 25.74
C LYS B 257 -0.24 28.67 26.93
N ASP B 258 -0.87 29.04 28.05
CA ASP B 258 -0.71 28.30 29.29
C ASP B 258 -1.60 27.06 29.37
N ILE B 259 -2.46 26.87 28.36
CA ILE B 259 -3.21 25.63 28.23
C ILE B 259 -2.28 24.57 27.66
N ARG B 260 -1.32 25.01 26.85
CA ARG B 260 -0.24 24.16 26.39
C ARG B 260 0.69 23.79 27.54
N HIS B 261 0.14 23.09 28.54
CA HIS B 261 0.91 22.64 29.70
C HIS B 261 0.38 21.27 30.12
N SER B 262 -0.86 20.99 29.76
CA SER B 262 -1.46 19.70 30.05
C SER B 262 -0.90 18.66 29.09
N ASN B 263 -0.25 19.14 28.04
CA ASN B 263 0.42 18.27 27.09
C ASN B 263 1.85 17.99 27.53
N GLU B 264 2.19 18.40 28.74
CA GLU B 264 3.52 18.19 29.28
C GLU B 264 3.75 16.72 29.60
N ILE B 265 3.24 16.26 30.74
CA ILE B 265 3.38 14.87 31.14
C ILE B 265 2.41 14.57 32.28
N THR B 266 2.15 13.29 32.47
CA THR B 266 1.38 12.82 33.62
C THR B 266 2.12 11.61 34.18
N PRO B 267 1.87 11.27 35.46
CA PRO B 267 2.50 10.09 36.06
C PRO B 267 2.13 8.79 35.34
N LEU B 268 1.06 8.83 34.55
CA LEU B 268 0.70 7.70 33.70
C LEU B 268 1.69 7.59 32.54
N GLU B 269 2.00 8.73 31.93
CA GLU B 269 2.92 8.78 30.80
C GLU B 269 4.34 8.41 31.22
N TYR B 270 4.73 8.82 32.42
CA TYR B 270 6.03 8.44 32.97
C TYR B 270 6.08 6.95 33.30
N LYS B 271 5.01 6.45 33.91
CA LYS B 271 4.91 5.06 34.31
C LYS B 271 4.95 4.14 33.09
N GLY B 272 4.63 4.71 31.93
CA GLY B 272 4.73 3.98 30.69
C GLY B 272 6.13 4.02 30.13
N LEU B 273 6.71 5.22 30.08
CA LEU B 273 8.06 5.40 29.58
C LEU B 273 9.05 4.53 30.33
N ILE B 274 8.84 4.42 31.64
CA ILE B 274 9.70 3.60 32.48
C ILE B 274 9.36 2.13 32.29
N TRP B 275 8.17 1.85 31.79
CA TRP B 275 7.76 0.46 31.60
C TRP B 275 7.73 0.05 30.12
N ALA B 276 8.03 1.01 29.24
CA ALA B 276 8.18 0.73 27.82
C ALA B 276 9.66 0.73 27.49
N GLY B 277 10.42 1.49 28.26
CA GLY B 277 11.86 1.49 28.13
C GLY B 277 12.41 0.15 28.56
N VAL B 278 11.75 -0.45 29.55
CA VAL B 278 12.10 -1.79 30.03
C VAL B 278 12.01 -2.82 28.91
N VAL B 279 10.91 -2.78 28.15
CA VAL B 279 10.71 -3.74 27.06
C VAL B 279 11.51 -3.34 25.82
N PHE B 280 11.89 -2.07 25.75
CA PHE B 280 12.72 -1.59 24.65
C PHE B 280 14.14 -2.13 24.83
N ILE B 281 14.72 -1.88 25.98
CA ILE B 281 16.08 -2.32 26.28
C ILE B 281 16.17 -3.85 26.31
N ALA B 282 15.04 -4.50 26.56
CA ALA B 282 14.96 -5.95 26.51
C ALA B 282 15.16 -6.42 25.07
N LEU B 283 14.36 -5.86 24.16
CA LEU B 283 14.46 -6.17 22.74
C LEU B 283 15.85 -5.87 22.19
N SER B 284 16.39 -4.72 22.60
CA SER B 284 17.70 -4.27 22.13
C SER B 284 18.80 -5.23 22.55
N ALA B 285 18.64 -5.80 23.75
CA ALA B 285 19.60 -6.78 24.26
C ALA B 285 19.50 -8.10 23.51
N LEU B 286 18.28 -8.47 23.14
CA LEU B 286 18.05 -9.73 22.44
C LEU B 286 18.72 -9.75 21.08
N LEU B 287 18.59 -8.64 20.37
CA LEU B 287 19.16 -8.52 19.03
C LEU B 287 20.68 -8.63 19.05
N ALA B 288 21.28 -8.29 20.18
CA ALA B 288 22.73 -8.34 20.33
C ALA B 288 23.24 -9.74 20.66
N TRP B 289 22.40 -10.52 21.35
CA TRP B 289 22.74 -11.89 21.75
C TRP B 289 23.29 -12.73 20.59
N SER B 290 22.57 -12.71 19.47
CA SER B 290 22.85 -13.63 18.36
C SER B 290 24.07 -13.25 17.53
N ILE B 291 24.49 -12.00 17.61
CA ILE B 291 25.53 -11.49 16.74
C ILE B 291 26.88 -11.31 17.44
N VAL B 292 26.86 -11.25 18.77
CA VAL B 292 28.09 -10.96 19.51
C VAL B 292 29.18 -12.07 19.47
N PRO B 293 28.85 -13.31 19.89
CA PRO B 293 29.94 -14.28 20.03
C PRO B 293 30.44 -14.84 18.70
N ALA B 294 31.64 -15.42 18.72
CA ALA B 294 32.19 -16.08 17.55
C ALA B 294 31.60 -17.49 17.43
N ASP B 295 30.94 -17.92 18.49
CA ASP B 295 30.22 -19.19 18.50
C ASP B 295 28.74 -18.87 18.35
N GLY B 296 28.46 -17.64 17.92
CA GLY B 296 27.10 -17.13 17.84
C GLY B 296 26.20 -17.85 16.86
N ILE B 297 24.90 -17.73 17.07
CA ILE B 297 23.90 -18.44 16.27
C ILE B 297 23.53 -17.71 14.97
N LEU B 298 23.32 -16.40 15.05
CA LEU B 298 22.97 -15.62 13.87
C LEU B 298 24.17 -14.86 13.32
N ARG B 299 25.03 -15.56 12.58
CA ARG B 299 26.05 -14.90 11.79
C ARG B 299 25.94 -15.51 10.41
N HIS B 300 26.92 -15.24 9.55
CA HIS B 300 26.98 -15.93 8.27
C HIS B 300 27.29 -17.39 8.58
N PRO B 301 26.32 -18.28 8.30
CA PRO B 301 26.37 -19.69 8.72
C PRO B 301 27.66 -20.42 8.32
N GLU B 302 28.17 -20.12 7.13
CA GLU B 302 29.42 -20.73 6.68
C GLU B 302 30.63 -20.00 7.26
N THR B 303 30.74 -18.71 6.93
CA THR B 303 31.90 -17.91 7.30
C THR B 303 31.98 -17.72 8.81
N GLY B 304 31.12 -16.85 9.33
CA GLY B 304 31.18 -16.45 10.72
C GLY B 304 31.41 -14.97 10.77
N LEU B 305 31.60 -14.36 9.59
CA LEU B 305 31.74 -12.92 9.48
C LEU B 305 30.36 -12.27 9.51
N VAL B 306 30.20 -11.29 10.39
CA VAL B 306 28.93 -10.57 10.55
C VAL B 306 28.45 -9.95 9.23
N ALA B 307 29.41 -9.49 8.43
CA ALA B 307 29.09 -8.89 7.14
C ALA B 307 28.51 -9.93 6.17
N GLY B 308 27.30 -9.66 5.68
CA GLY B 308 26.65 -10.54 4.74
C GLY B 308 25.71 -11.53 5.41
N SER B 309 25.69 -11.49 6.73
CA SER B 309 24.83 -12.39 7.51
C SER B 309 23.38 -11.94 7.42
N PRO B 310 22.44 -12.89 7.57
CA PRO B 310 21.00 -12.67 7.65
C PRO B 310 20.58 -11.53 8.59
N PHE B 311 21.43 -11.21 9.56
CA PHE B 311 21.16 -10.13 10.51
C PHE B 311 20.87 -8.81 9.82
N LEU B 312 21.80 -8.39 8.96
CA LEU B 312 21.66 -7.13 8.24
C LEU B 312 20.54 -7.22 7.21
N LYS B 313 20.17 -8.45 6.86
CA LYS B 313 19.08 -8.69 5.92
C LYS B 313 17.72 -8.64 6.63
N SER B 314 17.76 -8.55 7.95
CA SER B 314 16.54 -8.57 8.74
C SER B 314 16.48 -7.34 9.64
N ILE B 315 17.39 -6.38 9.41
CA ILE B 315 17.45 -5.16 10.22
C ILE B 315 16.36 -4.17 9.83
N VAL B 316 15.53 -4.57 8.87
CA VAL B 316 14.30 -3.85 8.55
C VAL B 316 13.18 -4.41 9.43
N VAL B 317 13.22 -5.71 9.65
CA VAL B 317 12.30 -6.37 10.55
C VAL B 317 12.60 -5.92 11.98
N PHE B 318 13.88 -5.74 12.28
CA PHE B 318 14.30 -5.36 13.63
C PHE B 318 13.83 -3.95 14.00
N ILE B 319 13.77 -3.05 13.03
CA ILE B 319 13.29 -1.69 13.30
C ILE B 319 11.77 -1.65 13.23
N PHE B 320 11.18 -2.68 12.67
CA PHE B 320 9.74 -2.86 12.77
C PHE B 320 9.43 -3.36 14.18
N LEU B 321 10.32 -4.19 14.70
CA LEU B 321 10.17 -4.75 16.03
C LEU B 321 10.44 -3.70 17.11
N LEU B 322 11.61 -3.05 17.03
CA LEU B 322 12.04 -2.10 18.05
C LEU B 322 11.14 -0.88 18.20
N PHE B 323 10.24 -0.69 17.23
CA PHE B 323 9.26 0.38 17.32
C PHE B 323 7.91 -0.14 17.82
N ALA B 324 7.44 -1.23 17.22
CA ALA B 324 6.12 -1.76 17.52
C ALA B 324 5.96 -2.21 18.97
N LEU B 325 6.81 -3.13 19.41
CA LEU B 325 6.66 -3.75 20.73
C LEU B 325 6.84 -2.83 21.95
N PRO B 326 7.82 -1.89 21.90
CA PRO B 326 7.84 -0.92 23.01
C PRO B 326 6.59 -0.06 23.05
N GLY B 327 6.01 0.24 21.89
CA GLY B 327 4.81 1.04 21.83
C GLY B 327 3.59 0.31 22.39
N ILE B 328 3.47 -0.96 22.05
CA ILE B 328 2.32 -1.76 22.45
C ILE B 328 2.30 -2.03 23.97
N VAL B 329 3.46 -2.21 24.56
CA VAL B 329 3.56 -2.42 26.00
C VAL B 329 3.28 -1.12 26.73
N TYR B 330 3.75 -0.02 26.14
CA TYR B 330 3.43 1.31 26.63
C TYR B 330 1.93 1.54 26.58
N GLY B 331 1.32 1.07 25.49
CA GLY B 331 -0.09 1.31 25.24
C GLY B 331 -1.04 0.55 26.15
N ARG B 332 -0.69 -0.70 26.45
CA ARG B 332 -1.53 -1.57 27.26
C ARG B 332 -1.39 -1.27 28.75
N ILE B 333 -0.14 -1.12 29.20
CA ILE B 333 0.14 -0.98 30.63
C ILE B 333 -0.37 0.35 31.19
N THR B 334 -0.41 1.37 30.35
CA THR B 334 -0.94 2.67 30.76
C THR B 334 -2.31 2.89 30.15
N ARG B 335 -2.84 1.84 29.54
CA ARG B 335 -4.17 1.89 28.92
C ARG B 335 -4.27 2.98 27.86
N SER B 336 -3.20 3.19 27.11
CA SER B 336 -3.20 4.17 26.02
C SER B 336 -4.11 3.67 24.90
N LEU B 337 -4.01 2.36 24.62
CA LEU B 337 -4.96 1.68 23.73
C LEU B 337 -5.18 0.25 24.22
N ARG B 338 -6.44 -0.10 24.45
CA ARG B 338 -6.80 -1.33 25.16
C ARG B 338 -6.85 -2.59 24.29
N GLY B 339 -7.91 -2.70 23.49
CA GLY B 339 -8.21 -3.92 22.76
C GLY B 339 -7.11 -4.46 21.86
N GLU B 340 -7.18 -5.76 21.60
CA GLU B 340 -6.25 -6.44 20.69
C GLU B 340 -6.79 -6.42 19.27
N ARG B 341 -7.98 -5.85 19.12
CA ARG B 341 -8.54 -5.58 17.81
C ARG B 341 -8.37 -4.09 17.56
N GLU B 342 -7.87 -3.39 18.57
CA GLU B 342 -7.70 -1.95 18.50
C GLU B 342 -6.36 -1.56 17.89
N VAL B 343 -5.30 -2.26 18.29
CA VAL B 343 -3.96 -1.95 17.80
C VAL B 343 -3.83 -2.30 16.31
N VAL B 344 -4.68 -3.20 15.83
CA VAL B 344 -4.67 -3.61 14.43
C VAL B 344 -5.46 -2.60 13.59
N ASN B 345 -6.58 -2.15 14.14
CA ASN B 345 -7.35 -1.08 13.52
C ASN B 345 -6.57 0.21 13.52
N ALA B 346 -5.50 0.24 14.31
CA ALA B 346 -4.60 1.38 14.35
C ALA B 346 -3.45 1.26 13.34
N MET B 347 -3.01 0.03 13.09
CA MET B 347 -1.96 -0.21 12.08
C MET B 347 -2.49 0.15 10.71
N ALA B 348 -3.77 -0.14 10.49
CA ALA B 348 -4.40 0.12 9.20
C ALA B 348 -4.46 1.61 8.91
N GLU B 349 -4.46 2.42 9.96
CA GLU B 349 -4.50 3.87 9.84
C GLU B 349 -3.18 4.40 9.28
N SER B 350 -2.07 3.92 9.84
CA SER B 350 -0.74 4.33 9.41
C SER B 350 -0.46 3.82 8.00
N MET B 351 -0.99 2.65 7.67
CA MET B 351 -0.80 2.05 6.35
C MET B 351 -1.68 2.73 5.30
N SER B 352 -2.55 3.63 5.76
CA SER B 352 -3.44 4.37 4.88
C SER B 352 -2.80 5.67 4.41
N THR B 353 -1.64 6.00 4.96
CA THR B 353 -1.01 7.29 4.68
C THR B 353 -0.05 7.27 3.48
N LEU B 354 0.38 6.08 3.07
CA LEU B 354 1.33 5.96 1.97
C LEU B 354 0.67 5.97 0.60
N GLY B 355 -0.37 6.79 0.44
CA GLY B 355 -1.15 6.82 -0.79
C GLY B 355 -0.38 7.25 -2.02
N LEU B 356 0.25 8.42 -1.92
CA LEU B 356 1.03 8.96 -3.03
C LEU B 356 2.31 8.16 -3.21
N TYR B 357 2.86 7.69 -2.08
CA TYR B 357 4.11 6.93 -2.08
C TYR B 357 4.07 5.76 -3.05
N LEU B 358 2.96 5.04 -3.09
CA LEU B 358 2.86 3.88 -3.96
C LEU B 358 2.91 4.25 -5.44
N VAL B 359 2.17 5.30 -5.82
CA VAL B 359 2.12 5.74 -7.21
C VAL B 359 3.51 6.11 -7.73
N ILE B 360 4.21 6.96 -6.99
CA ILE B 360 5.58 7.33 -7.35
C ILE B 360 6.51 6.12 -7.25
N ILE B 361 6.09 5.08 -6.54
CA ILE B 361 6.86 3.84 -6.46
C ILE B 361 6.55 2.93 -7.66
N PHE B 362 5.31 2.97 -8.13
CA PHE B 362 4.92 2.24 -9.32
C PHE B 362 5.57 2.85 -10.55
N PHE B 363 5.74 4.16 -10.52
CA PHE B 363 6.36 4.86 -11.63
C PHE B 363 7.88 5.01 -11.47
N ALA B 364 8.39 4.72 -10.27
CA ALA B 364 9.84 4.66 -10.07
C ALA B 364 10.37 3.30 -10.46
N ALA B 365 9.67 2.24 -10.03
CA ALA B 365 9.93 0.90 -10.52
C ALA B 365 9.88 0.97 -12.04
N GLN B 366 8.79 1.54 -12.54
CA GLN B 366 8.62 1.66 -13.99
C GLN B 366 9.67 2.54 -14.64
N PHE B 367 10.07 3.62 -13.98
CA PHE B 367 11.10 4.49 -14.53
C PHE B 367 12.49 3.86 -14.50
N VAL B 368 12.82 3.16 -13.42
CA VAL B 368 14.10 2.48 -13.30
C VAL B 368 14.09 1.20 -14.14
N ALA B 369 12.91 0.78 -14.58
CA ALA B 369 12.78 -0.37 -15.45
C ALA B 369 12.99 0.05 -16.90
N PHE B 370 12.18 1.01 -17.34
CA PHE B 370 12.29 1.58 -18.68
C PHE B 370 13.69 2.12 -18.90
N PHE B 371 14.33 2.55 -17.82
CA PHE B 371 15.71 3.03 -17.85
C PHE B 371 16.66 1.86 -18.05
N ASN B 372 16.59 0.92 -17.11
CA ASN B 372 17.57 -0.16 -17.00
C ASN B 372 17.65 -1.08 -18.22
N TRP B 373 16.53 -1.66 -18.62
CA TRP B 373 16.59 -2.65 -19.70
C TRP B 373 16.51 -2.05 -21.09
N THR B 374 16.68 -0.73 -21.18
CA THR B 374 16.85 -0.07 -22.46
C THR B 374 18.30 0.39 -22.60
N ASN B 375 19.08 0.12 -21.55
CA ASN B 375 20.52 0.40 -21.51
C ASN B 375 20.89 1.88 -21.62
N ILE B 376 19.89 2.76 -21.72
CA ILE B 376 20.13 4.18 -21.78
C ILE B 376 20.67 4.69 -20.44
N GLY B 377 20.22 4.07 -19.35
CA GLY B 377 20.67 4.45 -18.03
C GLY B 377 22.15 4.26 -17.79
N GLN B 378 22.74 3.26 -18.44
CA GLN B 378 24.16 2.98 -18.30
C GLN B 378 24.97 3.91 -19.20
N TYR B 379 24.37 4.29 -20.32
CA TYR B 379 24.97 5.23 -21.25
C TYR B 379 25.16 6.58 -20.58
N ILE B 380 24.11 7.06 -19.91
CA ILE B 380 24.17 8.30 -19.16
C ILE B 380 25.16 8.18 -18.00
N ALA B 381 25.26 6.97 -17.46
CA ALA B 381 26.15 6.68 -16.33
C ALA B 381 27.62 6.86 -16.67
N VAL B 382 28.05 6.31 -17.82
CA VAL B 382 29.45 6.35 -18.22
C VAL B 382 29.86 7.70 -18.83
N LYS B 383 28.92 8.37 -19.49
CA LYS B 383 29.19 9.67 -20.08
C LYS B 383 29.32 10.75 -19.00
N GLY B 384 28.76 10.47 -17.83
CA GLY B 384 28.91 11.37 -16.70
C GLY B 384 30.11 10.99 -15.87
N ALA B 385 30.58 9.76 -16.07
CA ALA B 385 31.75 9.26 -15.37
C ALA B 385 33.02 9.86 -15.96
N VAL B 386 33.04 10.00 -17.28
CA VAL B 386 34.20 10.59 -17.96
C VAL B 386 34.26 12.09 -17.75
N PHE B 387 33.16 12.66 -17.29
CA PHE B 387 33.07 14.09 -17.04
C PHE B 387 33.69 14.45 -15.70
N LEU B 388 33.31 13.72 -14.65
CA LEU B 388 33.69 14.08 -13.29
C LEU B 388 35.09 13.64 -12.89
N LYS B 389 35.73 12.84 -13.74
CA LYS B 389 37.11 12.42 -13.50
C LYS B 389 38.06 13.19 -14.42
N GLU B 390 37.59 14.32 -14.93
CA GLU B 390 38.36 15.13 -15.87
C GLU B 390 39.14 16.25 -15.19
N VAL B 391 38.40 17.20 -14.61
CA VAL B 391 38.98 18.41 -14.06
C VAL B 391 39.90 18.12 -12.86
N GLY B 392 39.75 16.94 -12.29
CA GLY B 392 40.50 16.57 -11.10
C GLY B 392 39.59 16.59 -9.89
N LEU B 393 38.30 16.35 -10.13
CA LEU B 393 37.29 16.38 -9.08
C LEU B 393 37.47 15.23 -8.12
N ALA B 394 38.19 15.49 -7.03
CA ALA B 394 38.53 14.45 -6.05
C ALA B 394 37.42 14.24 -5.03
N GLY B 395 37.82 13.75 -3.86
CA GLY B 395 36.89 13.28 -2.85
C GLY B 395 35.93 14.31 -2.28
N SER B 396 36.20 15.59 -2.50
CA SER B 396 35.32 16.61 -1.96
C SER B 396 35.01 17.77 -2.90
N VAL B 397 35.41 17.63 -4.17
CA VAL B 397 34.99 18.60 -5.16
C VAL B 397 33.69 18.10 -5.80
N LEU B 398 33.66 16.81 -6.09
CA LEU B 398 32.48 16.16 -6.64
C LEU B 398 31.34 16.13 -5.64
N PHE B 399 31.68 16.09 -4.35
CA PHE B 399 30.69 15.91 -3.30
C PHE B 399 30.30 17.19 -2.57
N ILE B 400 30.84 18.31 -3.05
CA ILE B 400 30.33 19.62 -2.67
C ILE B 400 29.42 20.04 -3.80
N GLY B 401 29.84 19.68 -5.02
CA GLY B 401 29.06 19.97 -6.21
C GLY B 401 27.80 19.14 -6.24
N PHE B 402 27.81 18.04 -5.49
CA PHE B 402 26.64 17.17 -5.41
C PHE B 402 25.60 17.74 -4.44
N ILE B 403 26.03 18.01 -3.21
CA ILE B 403 25.14 18.51 -2.16
C ILE B 403 24.41 19.79 -2.59
N LEU B 404 25.09 20.62 -3.38
CA LEU B 404 24.51 21.89 -3.81
C LEU B 404 23.40 21.74 -4.85
N ILE B 405 23.51 20.75 -5.72
CA ILE B 405 22.49 20.52 -6.74
C ILE B 405 21.22 19.90 -6.14
N CYS B 406 21.39 18.92 -5.26
CA CYS B 406 20.23 18.26 -4.67
C CYS B 406 19.64 19.07 -3.52
N ALA B 407 20.22 20.24 -3.26
CA ALA B 407 19.63 21.18 -2.34
C ALA B 407 19.06 22.36 -3.13
N PHE B 408 19.24 22.33 -4.44
CA PHE B 408 18.67 23.35 -5.32
C PHE B 408 17.45 22.80 -6.06
N ILE B 409 17.54 21.56 -6.51
CA ILE B 409 16.42 20.90 -7.19
C ILE B 409 15.33 20.63 -6.17
N ASN B 410 15.73 20.59 -4.91
CA ASN B 410 14.82 20.34 -3.79
C ASN B 410 13.77 21.42 -3.63
N LEU B 411 14.00 22.58 -4.24
CA LEU B 411 13.07 23.70 -4.14
C LEU B 411 12.02 23.68 -5.24
N MET B 412 12.20 22.77 -6.21
CA MET B 412 11.25 22.65 -7.31
C MET B 412 10.34 21.44 -7.14
N ILE B 413 10.93 20.27 -7.36
CA ILE B 413 10.19 19.01 -7.31
C ILE B 413 10.59 18.20 -6.08
N GLY B 414 11.56 18.72 -5.33
CA GLY B 414 12.13 18.00 -4.21
C GLY B 414 11.27 17.93 -2.97
N SER B 415 10.86 16.71 -2.63
CA SER B 415 10.11 16.46 -1.41
C SER B 415 10.39 15.04 -0.92
N ALA B 416 11.53 14.89 -0.25
CA ALA B 416 11.98 13.60 0.27
C ALA B 416 12.25 12.57 -0.82
N SER B 417 11.25 11.74 -1.06
CA SER B 417 11.42 10.61 -1.95
C SER B 417 10.97 10.95 -3.35
N ALA B 418 10.14 11.99 -3.47
CA ALA B 418 9.67 12.45 -4.77
C ALA B 418 10.85 12.93 -5.60
N GLN B 419 11.83 13.48 -4.92
CA GLN B 419 13.04 13.97 -5.53
C GLN B 419 13.96 12.82 -5.88
N TRP B 420 14.30 12.05 -4.85
CA TRP B 420 15.29 10.99 -4.98
C TRP B 420 14.90 9.96 -6.02
N ALA B 421 13.63 9.60 -6.06
CA ALA B 421 13.13 8.64 -7.03
C ALA B 421 13.34 9.12 -8.47
N VAL B 422 13.44 10.44 -8.63
CA VAL B 422 13.64 11.04 -9.93
C VAL B 422 15.13 11.15 -10.27
N THR B 423 15.91 11.65 -9.32
CA THR B 423 17.32 11.95 -9.55
C THR B 423 18.25 10.75 -9.40
N ALA B 424 17.97 9.86 -8.45
CA ALA B 424 18.79 8.67 -8.24
C ALA B 424 19.05 7.83 -9.51
N PRO B 425 18.03 7.67 -10.38
CA PRO B 425 18.35 6.99 -11.64
C PRO B 425 19.31 7.80 -12.53
N ILE B 426 19.40 9.10 -12.31
CA ILE B 426 20.26 9.95 -13.13
C ILE B 426 21.67 10.06 -12.54
N PHE B 427 21.74 10.20 -11.22
CA PHE B 427 23.00 10.53 -10.54
C PHE B 427 23.81 9.31 -10.12
N VAL B 428 23.20 8.41 -9.36
CA VAL B 428 23.91 7.28 -8.76
C VAL B 428 24.60 6.27 -9.70
N PRO B 429 24.10 6.10 -10.94
CA PRO B 429 24.89 5.16 -11.74
C PRO B 429 26.10 5.85 -12.34
N MET B 430 26.08 7.17 -12.35
CA MET B 430 27.14 7.96 -12.99
C MET B 430 28.26 8.34 -12.01
N LEU B 431 27.92 8.57 -10.75
CA LEU B 431 28.91 8.91 -9.75
C LEU B 431 29.53 7.69 -9.08
N MET B 432 28.94 6.53 -9.30
CA MET B 432 29.51 5.27 -8.82
C MET B 432 30.80 4.99 -9.56
N LEU B 433 30.75 5.14 -10.88
CA LEU B 433 31.87 4.82 -11.75
C LEU B 433 33.02 5.81 -11.57
N ALA B 434 32.70 7.00 -11.08
CA ALA B 434 33.69 8.06 -10.92
C ALA B 434 34.77 7.73 -9.87
N GLY B 435 34.53 6.67 -9.10
CA GLY B 435 35.45 6.26 -8.06
C GLY B 435 34.87 6.51 -6.68
N TYR B 436 33.54 6.63 -6.62
CA TYR B 436 32.86 6.97 -5.38
C TYR B 436 31.58 6.15 -5.19
N ALA B 437 31.59 5.32 -4.15
CA ALA B 437 30.49 4.38 -3.86
C ALA B 437 29.14 5.07 -3.69
N PRO B 438 28.03 4.32 -3.88
CA PRO B 438 26.68 4.89 -3.81
C PRO B 438 26.13 5.11 -2.39
N GLU B 439 26.63 4.37 -1.40
CA GLU B 439 26.19 4.58 -0.03
C GLU B 439 26.56 5.99 0.42
N VAL B 440 27.70 6.47 -0.07
CA VAL B 440 28.20 7.79 0.27
C VAL B 440 27.31 8.88 -0.33
N ILE B 441 26.90 8.71 -1.58
CA ILE B 441 26.08 9.72 -2.24
C ILE B 441 24.63 9.70 -1.76
N GLN B 442 24.22 8.62 -1.10
CA GLN B 442 22.89 8.56 -0.49
C GLN B 442 22.92 9.35 0.80
N ALA B 443 24.08 9.32 1.47
CA ALA B 443 24.31 10.12 2.66
C ALA B 443 24.34 11.59 2.33
N ALA B 444 25.07 11.93 1.27
CA ALA B 444 25.20 13.31 0.82
C ALA B 444 23.87 13.88 0.34
N TYR B 445 23.05 13.05 -0.31
CA TYR B 445 21.70 13.46 -0.70
C TYR B 445 20.82 13.63 0.53
N ARG B 446 21.02 12.76 1.52
CA ARG B 446 20.25 12.82 2.75
C ARG B 446 20.72 13.99 3.61
N ILE B 447 21.68 14.76 3.09
CA ILE B 447 22.03 16.05 3.66
C ILE B 447 21.26 17.13 2.90
N GLY B 448 21.36 17.08 1.58
CA GLY B 448 20.84 18.12 0.71
C GLY B 448 19.34 18.33 0.71
N ASP B 449 18.58 17.28 0.97
CA ASP B 449 17.13 17.43 0.97
C ASP B 449 16.65 18.03 2.28
N SER B 450 17.42 17.82 3.34
CA SER B 450 17.03 18.27 4.67
C SER B 450 17.45 19.71 4.97
N VAL B 451 18.58 20.14 4.41
CA VAL B 451 19.13 21.46 4.69
C VAL B 451 18.27 22.63 4.19
N THR B 452 17.83 22.55 2.94
CA THR B 452 17.13 23.65 2.30
C THR B 452 15.61 23.54 2.42
N ASN B 453 15.15 22.70 3.34
CA ASN B 453 13.72 22.54 3.58
C ASN B 453 13.09 23.77 4.20
N ILE B 454 13.87 24.50 4.98
CA ILE B 454 13.40 25.71 5.64
C ILE B 454 13.02 26.78 4.63
N ILE B 455 13.98 27.17 3.80
CA ILE B 455 13.72 28.08 2.69
C ILE B 455 12.69 27.43 1.75
N THR B 456 11.66 28.19 1.41
CA THR B 456 10.46 27.65 0.76
C THR B 456 10.69 26.79 -0.48
N PRO B 457 10.35 25.50 -0.39
CA PRO B 457 10.16 24.67 -1.58
C PRO B 457 8.82 25.07 -2.18
N MET B 458 7.79 24.31 -1.80
CA MET B 458 6.41 24.71 -2.03
C MET B 458 5.52 24.05 -0.97
N MET B 459 6.15 23.56 0.10
CA MET B 459 5.42 22.96 1.20
C MET B 459 4.52 23.99 1.90
N SER B 460 3.24 23.65 2.00
CA SER B 460 2.26 24.58 2.55
C SER B 460 2.10 24.38 4.05
N TYR B 461 3.06 23.69 4.66
CA TYR B 461 3.03 23.46 6.11
C TYR B 461 3.39 24.73 6.88
N PHE B 462 3.45 25.84 6.14
CA PHE B 462 3.51 27.16 6.72
C PHE B 462 2.29 27.35 7.61
N GLY B 463 1.16 26.76 7.19
CA GLY B 463 -0.12 26.91 7.87
C GLY B 463 -0.11 26.82 9.40
N LEU B 464 0.25 25.65 9.91
CA LEU B 464 0.36 25.45 11.36
C LEU B 464 1.43 26.39 11.91
N ILE B 465 2.51 26.53 11.17
CA ILE B 465 3.60 27.41 11.56
C ILE B 465 3.13 28.86 11.62
N MET B 466 2.32 29.27 10.64
CA MET B 466 1.77 30.62 10.63
C MET B 466 0.77 30.80 11.77
N ALA B 467 0.10 29.72 12.16
CA ALA B 467 -0.86 29.78 13.25
C ALA B 467 -0.14 29.96 14.59
N THR B 468 1.17 29.74 14.57
CA THR B 468 1.99 29.94 15.75
C THR B 468 2.54 31.36 15.76
N VAL B 469 2.86 31.88 14.57
CA VAL B 469 3.44 33.22 14.46
C VAL B 469 2.42 34.31 14.77
N MET B 470 1.15 34.03 14.48
CA MET B 470 0.07 34.98 14.74
C MET B 470 -0.32 34.92 16.21
N LYS B 471 0.03 33.83 16.87
CA LYS B 471 -0.23 33.70 18.30
C LYS B 471 0.67 34.61 19.12
N TYR B 472 1.73 35.11 18.50
CA TYR B 472 2.64 36.01 19.20
C TYR B 472 2.77 37.31 18.46
N LYS B 473 3.74 37.39 17.55
CA LYS B 473 3.95 38.59 16.77
C LYS B 473 3.10 38.59 15.50
N LYS B 474 2.00 39.32 15.53
CA LYS B 474 1.20 39.52 14.33
C LYS B 474 1.97 40.45 13.39
N ASP B 475 2.62 39.86 12.39
CA ASP B 475 3.53 40.60 11.53
C ASP B 475 2.82 41.36 10.41
N ALA B 476 3.42 42.48 10.00
CA ALA B 476 2.86 43.32 8.95
C ALA B 476 2.88 42.61 7.61
N GLY B 477 4.07 42.18 7.19
CA GLY B 477 4.22 41.49 5.92
C GLY B 477 4.21 39.98 6.11
N VAL B 478 3.56 39.29 5.19
CA VAL B 478 3.52 37.83 5.23
C VAL B 478 4.63 37.27 4.33
N GLY B 479 5.27 36.19 4.78
CA GLY B 479 6.45 35.69 4.13
C GLY B 479 7.66 36.32 4.79
N THR B 480 7.47 36.74 6.04
CA THR B 480 8.54 37.34 6.82
C THR B 480 9.39 36.25 7.46
N LEU B 481 8.81 35.07 7.64
CA LEU B 481 9.48 33.97 8.32
C LEU B 481 10.58 33.36 7.45
N ILE B 482 10.41 33.44 6.13
CA ILE B 482 11.39 32.87 5.22
C ILE B 482 12.67 33.73 5.10
N SER B 483 12.50 35.04 5.01
CA SER B 483 13.63 35.97 5.02
C SER B 483 14.29 35.97 6.38
N MET B 484 13.49 35.72 7.41
CA MET B 484 13.99 35.60 8.77
C MET B 484 14.79 34.31 8.95
N MET B 485 14.41 33.28 8.20
CA MET B 485 14.99 31.95 8.36
C MET B 485 16.22 31.69 7.48
N LEU B 486 16.47 32.59 6.54
CA LEU B 486 17.62 32.46 5.63
C LEU B 486 18.98 32.18 6.29
N PRO B 487 19.32 32.88 7.40
CA PRO B 487 20.61 32.58 8.02
C PRO B 487 20.66 31.25 8.75
N TYR B 488 19.50 30.68 9.08
CA TYR B 488 19.47 29.40 9.79
C TYR B 488 19.72 28.23 8.82
N SER B 489 19.40 28.42 7.55
CA SER B 489 19.67 27.40 6.54
C SER B 489 21.01 27.67 5.88
N ALA B 490 21.61 28.80 6.25
CA ALA B 490 22.94 29.14 5.78
C ALA B 490 23.97 28.59 6.76
N PHE B 491 23.67 28.74 8.05
CA PHE B 491 24.55 28.26 9.10
C PHE B 491 24.46 26.74 9.28
N PHE B 492 23.54 26.12 8.56
CA PHE B 492 23.38 24.67 8.60
C PHE B 492 24.02 24.02 7.37
N LEU B 493 23.92 24.72 6.23
CA LEU B 493 24.46 24.24 4.97
C LEU B 493 25.95 24.00 5.10
N ILE B 494 26.65 25.00 5.64
CA ILE B 494 28.10 24.94 5.80
C ILE B 494 28.50 24.03 6.96
N ALA B 495 27.62 23.93 7.96
CA ALA B 495 27.90 23.13 9.14
C ALA B 495 27.83 21.63 8.86
N TRP B 496 27.09 21.25 7.82
CA TRP B 496 26.91 19.84 7.49
C TRP B 496 27.92 19.40 6.43
N ILE B 497 28.09 20.21 5.38
CA ILE B 497 29.01 19.89 4.30
C ILE B 497 30.41 19.62 4.85
N ALA B 498 30.81 20.41 5.82
CA ALA B 498 32.11 20.23 6.49
C ALA B 498 32.20 18.89 7.20
N LEU B 499 31.07 18.47 7.78
CA LEU B 499 31.01 17.21 8.51
C LEU B 499 31.11 16.02 7.57
N PHE B 500 30.77 16.25 6.30
CA PHE B 500 30.80 15.18 5.31
C PHE B 500 32.19 14.90 4.77
N CYS B 501 33.01 15.95 4.64
CA CYS B 501 34.34 15.79 4.07
C CYS B 501 35.28 15.07 5.05
N ILE B 502 34.88 15.05 6.32
CA ILE B 502 35.56 14.25 7.32
C ILE B 502 35.13 12.78 7.17
N TRP B 503 34.34 12.52 6.13
CA TRP B 503 33.88 11.17 5.86
C TRP B 503 34.30 10.69 4.45
N VAL B 504 35.17 11.44 3.80
CA VAL B 504 35.69 11.04 2.49
C VAL B 504 37.21 11.11 2.40
N PHE B 505 37.80 12.22 2.83
CA PHE B 505 39.25 12.34 2.90
C PHE B 505 39.74 11.92 4.28
N VAL B 506 38.82 11.37 5.08
CA VAL B 506 39.17 10.87 6.41
C VAL B 506 38.73 9.41 6.61
N LEU B 507 37.42 9.18 6.71
CA LEU B 507 36.92 7.80 6.89
C LEU B 507 35.56 7.51 6.25
N GLY B 508 35.47 6.37 5.58
CA GLY B 508 34.21 5.89 5.03
C GLY B 508 34.33 4.41 4.70
N LEU B 509 33.55 3.59 5.39
CA LEU B 509 33.71 2.13 5.27
C LEU B 509 33.42 1.56 3.88
N PRO B 510 32.27 1.91 3.27
CA PRO B 510 32.13 1.49 1.88
C PRO B 510 32.23 2.67 0.92
N VAL B 511 33.44 3.06 0.56
CA VAL B 511 33.67 4.17 -0.38
C VAL B 511 34.41 3.72 -1.63
N GLY B 512 33.99 4.24 -2.78
CA GLY B 512 34.55 3.83 -4.05
C GLY B 512 34.10 2.45 -4.48
N PRO B 513 34.05 2.21 -5.81
CA PRO B 513 33.70 0.90 -6.37
C PRO B 513 34.87 -0.07 -6.34
N GLY B 514 35.69 0.03 -5.31
CA GLY B 514 36.80 -0.90 -5.12
C GLY B 514 36.61 -1.71 -3.86
N ALA B 515 37.68 -1.82 -3.08
CA ALA B 515 37.62 -2.54 -1.80
C ALA B 515 38.15 -1.67 -0.67
N PRO B 516 37.35 -0.71 -0.20
CA PRO B 516 37.76 0.21 0.86
C PRO B 516 37.90 -0.48 2.22
#